data_8VU8
#
_entry.id   8VU8
#
_entity_poly.entity_id   1
_entity_poly.type   'polypeptide(L)'
_entity_poly.pdbx_seq_one_letter_code
;DKPCGKDAGGRVCTNNYCCSKWGSCGIGPGYCGAGCQSGGCDG
;
_entity_poly.pdbx_strand_id   A
#
# COMPACT_ATOMS: atom_id res chain seq x y z
N ASP A 1 -6.03 -13.10 5.20
CA ASP A 1 -5.80 -11.80 4.52
C ASP A 1 -4.44 -11.84 3.82
N LYS A 2 -4.28 -11.12 2.72
CA LYS A 2 -3.12 -11.22 1.80
C LYS A 2 -2.25 -9.94 1.68
N PRO A 3 -0.98 -10.03 1.27
CA PRO A 3 -0.08 -8.89 1.15
C PRO A 3 -0.29 -8.04 -0.13
N CYS A 4 0.42 -6.92 -0.18
CA CYS A 4 0.60 -6.01 -1.32
C CYS A 4 2.08 -5.55 -1.38
N GLY A 5 2.48 -4.86 -2.45
CA GLY A 5 3.80 -4.21 -2.49
C GLY A 5 4.95 -5.22 -2.45
N LYS A 6 5.99 -4.90 -1.67
CA LYS A 6 7.24 -5.69 -1.59
C LYS A 6 7.02 -7.16 -1.21
N ASP A 7 6.09 -7.41 -0.30
CA ASP A 7 5.66 -8.77 0.11
C ASP A 7 4.67 -9.45 -0.84
N ALA A 8 4.45 -8.91 -2.05
CA ALA A 8 3.65 -9.55 -3.09
C ALA A 8 4.26 -9.49 -4.51
N GLY A 9 5.07 -8.47 -4.80
CA GLY A 9 5.66 -8.17 -6.11
C GLY A 9 5.33 -6.78 -6.67
N GLY A 10 4.46 -6.02 -5.98
CA GLY A 10 4.20 -4.59 -6.25
C GLY A 10 2.72 -4.21 -6.14
N ARG A 11 1.84 -4.98 -6.80
CA ARG A 11 0.38 -4.78 -6.85
C ARG A 11 -0.30 -4.48 -5.50
N VAL A 12 -1.42 -3.78 -5.59
CA VAL A 12 -2.28 -3.36 -4.47
C VAL A 12 -3.76 -3.67 -4.75
N CYS A 13 -4.67 -3.21 -3.88
CA CYS A 13 -6.12 -3.25 -4.07
C CYS A 13 -6.59 -2.70 -5.44
N THR A 14 -7.79 -3.08 -5.87
CA THR A 14 -8.43 -2.58 -7.11
C THR A 14 -8.88 -1.12 -7.00
N ASN A 15 -9.27 -0.69 -5.80
CA ASN A 15 -9.49 0.72 -5.46
C ASN A 15 -8.15 1.50 -5.48
N ASN A 16 -8.20 2.83 -5.53
CA ASN A 16 -7.05 3.74 -5.50
C ASN A 16 -6.34 3.85 -4.13
N TYR A 17 -6.23 2.72 -3.43
CA TYR A 17 -5.62 2.59 -2.10
C TYR A 17 -4.08 2.52 -2.15
N CYS A 18 -3.47 2.48 -0.98
CA CYS A 18 -2.02 2.52 -0.74
C CYS A 18 -1.54 1.27 0.04
N CYS A 19 -0.29 0.87 -0.13
CA CYS A 19 0.29 -0.28 0.58
C CYS A 19 1.22 0.15 1.73
N SER A 20 0.84 -0.17 2.98
CA SER A 20 1.68 0.06 4.17
C SER A 20 2.96 -0.78 4.18
N LYS A 21 3.95 -0.37 5.00
CA LYS A 21 5.30 -0.94 5.08
C LYS A 21 5.41 -2.44 5.32
N TRP A 22 4.41 -3.09 5.93
CA TRP A 22 4.37 -4.54 6.16
C TRP A 22 3.31 -5.28 5.32
N GLY A 23 2.91 -4.72 4.18
CA GLY A 23 2.09 -5.41 3.19
C GLY A 23 0.57 -5.28 3.39
N SER A 24 0.10 -4.41 4.29
CA SER A 24 -1.33 -4.15 4.53
C SER A 24 -1.86 -3.07 3.57
N CYS A 25 -2.84 -3.41 2.73
CA CYS A 25 -3.49 -2.48 1.80
C CYS A 25 -4.60 -1.65 2.49
N GLY A 26 -4.70 -0.37 2.16
CA GLY A 26 -5.74 0.53 2.65
C GLY A 26 -5.37 2.01 2.47
N ILE A 27 -5.99 2.89 3.25
CA ILE A 27 -5.80 4.36 3.16
C ILE A 27 -5.73 4.96 4.57
N GLY A 28 -4.88 5.98 4.72
CA GLY A 28 -4.51 6.55 6.02
C GLY A 28 -3.13 7.22 5.98
N PRO A 29 -2.74 7.92 7.05
CA PRO A 29 -1.55 8.77 7.09
C PRO A 29 -0.24 7.98 6.90
N GLY A 30 -0.12 6.79 7.49
CA GLY A 30 1.00 5.87 7.30
C GLY A 30 0.84 4.93 6.09
N TYR A 31 -0.36 4.79 5.53
CA TYR A 31 -0.59 4.04 4.28
C TYR A 31 -0.14 4.86 3.06
N CYS A 32 -0.61 6.10 2.93
CA CYS A 32 -0.41 6.93 1.73
C CYS A 32 0.68 8.00 1.85
N GLY A 33 1.27 8.17 3.05
CA GLY A 33 2.37 9.09 3.32
C GLY A 33 3.76 8.50 3.00
N ALA A 34 4.76 8.87 3.79
CA ALA A 34 6.14 8.39 3.64
C ALA A 34 6.37 6.90 3.96
N GLY A 35 5.33 6.24 4.44
CA GLY A 35 5.25 4.80 4.68
C GLY A 35 4.97 3.93 3.43
N CYS A 36 4.41 4.53 2.38
CA CYS A 36 3.90 3.85 1.19
C CYS A 36 4.95 3.03 0.41
N GLN A 37 4.70 1.74 0.24
CA GLN A 37 5.43 0.83 -0.64
C GLN A 37 5.00 0.91 -2.11
N SER A 38 3.71 1.10 -2.37
CA SER A 38 3.08 1.17 -3.70
C SER A 38 1.61 1.64 -3.60
N GLY A 39 0.98 1.99 -4.74
CA GLY A 39 -0.43 2.38 -4.83
C GLY A 39 -0.68 3.90 -5.00
N GLY A 40 -1.90 4.35 -4.73
CA GLY A 40 -2.39 5.73 -4.98
C GLY A 40 -1.90 6.79 -3.98
N CYS A 41 -0.61 6.75 -3.62
CA CYS A 41 0.01 7.51 -2.53
C CYS A 41 0.26 9.00 -2.81
N ASP A 42 0.37 9.79 -1.74
CA ASP A 42 0.56 11.25 -1.74
C ASP A 42 1.99 11.68 -1.38
N GLY A 43 2.59 11.05 -0.36
CA GLY A 43 4.00 11.18 0.06
C GLY A 43 4.43 12.54 0.59
N ASP A 1 -8.81 -10.11 4.72
CA ASP A 1 -7.82 -9.05 4.40
C ASP A 1 -6.69 -9.63 3.54
N LYS A 2 -6.12 -8.79 2.67
CA LYS A 2 -5.08 -9.17 1.69
C LYS A 2 -3.79 -8.35 1.82
N PRO A 3 -2.62 -8.95 1.52
CA PRO A 3 -1.36 -8.22 1.40
C PRO A 3 -1.22 -7.57 0.01
N CYS A 4 -0.26 -6.66 -0.10
CA CYS A 4 0.09 -5.97 -1.34
C CYS A 4 1.55 -5.47 -1.33
N GLY A 5 1.98 -4.83 -2.40
CA GLY A 5 3.35 -4.33 -2.54
C GLY A 5 4.39 -5.45 -2.42
N LYS A 6 5.55 -5.12 -1.84
CA LYS A 6 6.73 -5.99 -1.81
C LYS A 6 6.49 -7.34 -1.10
N ASP A 7 5.77 -7.37 0.03
CA ASP A 7 5.41 -8.62 0.75
C ASP A 7 4.60 -9.60 -0.13
N ALA A 8 3.86 -9.08 -1.12
CA ALA A 8 3.07 -9.85 -2.06
C ALA A 8 3.71 -9.99 -3.46
N GLY A 9 4.96 -9.56 -3.66
CA GLY A 9 5.65 -9.60 -4.97
C GLY A 9 5.38 -8.40 -5.90
N GLY A 10 4.51 -7.47 -5.51
CA GLY A 10 4.21 -6.23 -6.23
C GLY A 10 2.80 -6.19 -6.84
N ARG A 11 1.92 -5.38 -6.24
CA ARG A 11 0.56 -5.01 -6.69
C ARG A 11 -0.07 -3.98 -5.75
N VAL A 12 -1.20 -3.42 -6.17
CA VAL A 12 -2.13 -2.59 -5.37
C VAL A 12 -3.56 -3.13 -5.48
N CYS A 13 -4.41 -2.84 -4.50
CA CYS A 13 -5.78 -3.37 -4.42
C CYS A 13 -6.80 -2.59 -5.28
N THR A 14 -7.79 -3.29 -5.85
CA THR A 14 -8.75 -2.76 -6.86
C THR A 14 -9.49 -1.48 -6.44
N ASN A 15 -9.77 -1.31 -5.14
CA ASN A 15 -10.38 -0.12 -4.55
C ASN A 15 -9.47 1.13 -4.49
N ASN A 16 -8.45 1.19 -5.34
CA ASN A 16 -7.47 2.28 -5.47
C ASN A 16 -6.59 2.46 -4.23
N TYR A 17 -6.38 1.41 -3.44
CA TYR A 17 -5.60 1.49 -2.19
C TYR A 17 -4.10 1.79 -2.38
N CYS A 18 -3.51 2.32 -1.31
CA CYS A 18 -2.06 2.47 -1.13
C CYS A 18 -1.47 1.22 -0.44
N CYS A 19 -0.16 1.02 -0.56
CA CYS A 19 0.56 -0.10 0.06
C CYS A 19 1.66 0.39 1.01
N SER A 20 1.49 0.12 2.30
CA SER A 20 2.44 0.55 3.35
C SER A 20 3.72 -0.29 3.40
N LYS A 21 4.71 0.14 4.19
CA LYS A 21 6.05 -0.48 4.32
C LYS A 21 6.01 -1.96 4.72
N TRP A 22 5.01 -2.37 5.51
CA TRP A 22 4.84 -3.76 5.96
C TRP A 22 4.07 -4.68 5.00
N GLY A 23 3.67 -4.17 3.83
CA GLY A 23 2.93 -4.95 2.85
C GLY A 23 1.40 -4.89 3.03
N SER A 24 0.91 -4.03 3.92
CA SER A 24 -0.50 -3.83 4.24
C SER A 24 -1.21 -2.93 3.21
N CYS A 25 -2.41 -3.30 2.80
CA CYS A 25 -3.24 -2.60 1.81
C CYS A 25 -4.38 -1.79 2.44
N GLY A 26 -4.54 -0.53 2.04
CA GLY A 26 -5.59 0.37 2.53
C GLY A 26 -5.38 1.84 2.15
N ILE A 27 -6.14 2.77 2.75
CA ILE A 27 -5.97 4.22 2.58
C ILE A 27 -6.09 4.97 3.91
N GLY A 28 -5.20 5.94 4.08
CA GLY A 28 -4.95 6.68 5.32
C GLY A 28 -3.46 7.05 5.41
N PRO A 29 -3.04 7.81 6.43
CA PRO A 29 -1.66 8.28 6.59
C PRO A 29 -0.67 7.14 6.87
N GLY A 30 -1.10 6.06 7.51
CA GLY A 30 -0.29 4.83 7.67
C GLY A 30 -0.11 4.05 6.36
N TYR A 31 -0.99 4.29 5.37
CA TYR A 31 -0.91 3.62 4.06
C TYR A 31 -0.30 4.47 2.94
N CYS A 32 -0.73 5.72 2.82
CA CYS A 32 -0.35 6.66 1.76
C CYS A 32 0.71 7.69 2.19
N GLY A 33 0.96 7.86 3.49
CA GLY A 33 1.97 8.77 4.05
C GLY A 33 3.38 8.17 4.06
N ALA A 34 4.04 8.23 5.22
CA ALA A 34 5.40 7.71 5.41
C ALA A 34 5.47 6.19 5.18
N GLY A 35 6.46 5.73 4.41
CA GLY A 35 6.61 4.32 4.07
C GLY A 35 5.64 3.82 2.99
N CYS A 36 4.92 4.70 2.28
CA CYS A 36 4.08 4.33 1.15
C CYS A 36 4.93 3.79 -0.01
N GLN A 37 4.95 2.46 -0.18
CA GLN A 37 5.72 1.72 -1.19
C GLN A 37 5.13 1.83 -2.60
N SER A 38 3.80 1.82 -2.73
CA SER A 38 3.07 1.91 -4.00
C SER A 38 1.64 2.44 -3.82
N GLY A 39 0.98 2.76 -4.93
CA GLY A 39 -0.30 3.46 -4.99
C GLY A 39 -0.15 4.99 -4.91
N GLY A 40 -1.26 5.69 -4.71
CA GLY A 40 -1.36 7.15 -4.71
C GLY A 40 -0.89 7.79 -3.39
N CYS A 41 0.42 7.81 -3.18
CA CYS A 41 1.05 8.37 -1.97
C CYS A 41 0.81 9.89 -1.81
N ASP A 42 0.89 10.39 -0.58
CA ASP A 42 0.56 11.76 -0.19
C ASP A 42 1.58 12.82 -0.66
N GLY A 43 2.86 12.44 -0.83
CA GLY A 43 3.96 13.30 -1.29
C GLY A 43 5.25 13.13 -0.52
N ASP A 1 -6.00 -13.96 3.10
CA ASP A 1 -6.10 -12.75 2.25
C ASP A 1 -4.74 -12.43 1.64
N LYS A 2 -4.71 -11.86 0.43
CA LYS A 2 -3.48 -11.60 -0.34
C LYS A 2 -2.76 -10.29 0.07
N PRO A 3 -1.42 -10.25 0.16
CA PRO A 3 -0.68 -9.03 0.48
C PRO A 3 -0.59 -8.04 -0.70
N CYS A 4 0.03 -6.89 -0.45
CA CYS A 4 0.39 -5.87 -1.47
C CYS A 4 1.89 -5.51 -1.43
N GLY A 5 2.38 -4.81 -2.46
CA GLY A 5 3.72 -4.21 -2.46
C GLY A 5 4.84 -5.25 -2.45
N LYS A 6 5.91 -4.98 -1.70
CA LYS A 6 7.16 -5.76 -1.78
C LYS A 6 7.02 -7.24 -1.37
N ASP A 7 6.25 -7.53 -0.31
CA ASP A 7 5.90 -8.93 0.03
C ASP A 7 5.11 -9.66 -1.06
N ALA A 8 4.32 -8.95 -1.87
CA ALA A 8 3.54 -9.52 -2.96
C ALA A 8 4.32 -9.64 -4.29
N GLY A 9 5.07 -8.60 -4.64
CA GLY A 9 5.75 -8.40 -5.93
C GLY A 9 5.51 -7.01 -6.57
N GLY A 10 4.67 -6.16 -5.98
CA GLY A 10 4.53 -4.74 -6.36
C GLY A 10 3.10 -4.18 -6.24
N ARG A 11 2.13 -4.90 -6.82
CA ARG A 11 0.70 -4.55 -6.92
C ARG A 11 -0.03 -4.21 -5.60
N VAL A 12 -1.21 -3.61 -5.71
CA VAL A 12 -2.13 -3.27 -4.59
C VAL A 12 -3.60 -3.61 -4.87
N CYS A 13 -4.41 -3.61 -3.81
CA CYS A 13 -5.85 -3.89 -3.79
C CYS A 13 -6.66 -3.06 -4.82
N THR A 14 -7.56 -3.69 -5.57
CA THR A 14 -8.32 -3.10 -6.70
C THR A 14 -9.20 -1.91 -6.32
N ASN A 15 -9.45 -1.69 -5.04
CA ASN A 15 -10.06 -0.46 -4.49
C ASN A 15 -9.17 0.80 -4.69
N ASN A 16 -7.99 0.64 -5.28
CA ASN A 16 -6.97 1.66 -5.57
C ASN A 16 -6.38 2.31 -4.30
N TYR A 17 -6.25 1.51 -3.24
CA TYR A 17 -5.66 1.90 -1.96
C TYR A 17 -4.12 2.07 -2.04
N CYS A 18 -3.54 2.52 -0.93
CA CYS A 18 -2.09 2.54 -0.70
C CYS A 18 -1.62 1.26 0.00
N CYS A 19 -0.30 1.09 0.18
CA CYS A 19 0.29 -0.12 0.76
C CYS A 19 1.45 0.18 1.73
N SER A 20 1.33 -0.24 2.99
CA SER A 20 2.36 -0.12 4.03
C SER A 20 3.40 -1.27 3.98
N LYS A 21 4.56 -1.09 4.64
CA LYS A 21 5.73 -1.99 4.54
C LYS A 21 5.50 -3.47 4.89
N TRP A 22 4.54 -3.81 5.74
CA TRP A 22 4.20 -5.20 6.09
C TRP A 22 2.99 -5.71 5.31
N GLY A 23 2.95 -5.37 4.01
CA GLY A 23 1.99 -5.89 3.04
C GLY A 23 0.54 -5.43 3.22
N SER A 24 0.30 -4.41 4.05
CA SER A 24 -1.02 -3.93 4.49
C SER A 24 -1.65 -2.96 3.47
N CYS A 25 -2.76 -3.34 2.85
CA CYS A 25 -3.57 -2.45 2.02
C CYS A 25 -4.41 -1.47 2.88
N GLY A 26 -4.47 -0.20 2.48
CA GLY A 26 -5.39 0.77 3.07
C GLY A 26 -5.14 2.21 2.67
N ILE A 27 -5.89 3.13 3.29
CA ILE A 27 -5.81 4.59 3.05
C ILE A 27 -5.89 5.36 4.37
N GLY A 28 -5.00 6.35 4.49
CA GLY A 28 -4.71 7.11 5.70
C GLY A 28 -3.28 7.69 5.65
N PRO A 29 -2.90 8.53 6.62
CA PRO A 29 -1.63 9.28 6.62
C PRO A 29 -0.39 8.40 6.86
N GLY A 30 -0.57 7.19 7.40
CA GLY A 30 0.46 6.17 7.49
C GLY A 30 0.51 5.26 6.25
N TYR A 31 -0.66 4.93 5.67
CA TYR A 31 -0.74 4.09 4.46
C TYR A 31 -0.23 4.82 3.21
N CYS A 32 -0.65 6.08 3.03
CA CYS A 32 -0.41 6.90 1.85
C CYS A 32 0.64 8.01 2.07
N GLY A 33 1.48 7.89 3.11
CA GLY A 33 2.46 8.89 3.53
C GLY A 33 3.91 8.45 3.33
N ALA A 34 4.78 8.78 4.30
CA ALA A 34 6.15 8.27 4.32
C ALA A 34 6.19 6.72 4.36
N GLY A 35 7.08 6.11 3.57
CA GLY A 35 7.31 4.66 3.52
C GLY A 35 6.30 3.84 2.70
N CYS A 36 5.39 4.48 1.95
CA CYS A 36 4.38 3.79 1.13
C CYS A 36 5.03 2.95 -0.01
N GLN A 37 4.78 1.64 -0.02
CA GLN A 37 5.33 0.72 -1.01
C GLN A 37 4.83 0.99 -2.43
N SER A 38 3.51 1.14 -2.56
CA SER A 38 2.76 1.25 -3.83
C SER A 38 1.37 1.85 -3.60
N GLY A 39 0.67 2.12 -4.71
CA GLY A 39 -0.74 2.51 -4.72
C GLY A 39 -0.98 4.01 -4.83
N GLY A 40 -2.17 4.47 -4.44
CA GLY A 40 -2.60 5.87 -4.55
C GLY A 40 -1.91 6.87 -3.59
N CYS A 41 -0.64 6.62 -3.22
CA CYS A 41 0.11 7.38 -2.22
C CYS A 41 0.40 8.83 -2.66
N ASP A 42 0.51 9.69 -1.66
CA ASP A 42 0.62 11.15 -1.77
C ASP A 42 1.97 11.65 -2.36
N GLY A 43 2.88 10.73 -2.63
CA GLY A 43 4.17 10.97 -3.31
C GLY A 43 4.96 9.70 -3.58
N ASP A 1 -3.51 -12.70 4.79
CA ASP A 1 -4.71 -12.31 4.03
C ASP A 1 -4.38 -12.19 2.55
N LYS A 2 -4.58 -11.02 1.90
CA LYS A 2 -4.28 -10.76 0.48
C LYS A 2 -3.42 -9.48 0.35
N PRO A 3 -2.11 -9.58 0.57
CA PRO A 3 -1.19 -8.42 0.70
C PRO A 3 -0.92 -7.70 -0.62
N CYS A 4 -0.16 -6.60 -0.54
CA CYS A 4 0.26 -5.75 -1.66
C CYS A 4 1.77 -5.46 -1.66
N GLY A 5 2.30 -5.03 -2.81
CA GLY A 5 3.66 -4.49 -2.93
C GLY A 5 4.81 -5.43 -2.55
N LYS A 6 5.89 -4.87 -2.00
CA LYS A 6 7.19 -5.54 -1.80
C LYS A 6 7.12 -6.85 -1.00
N ASP A 7 6.39 -6.89 0.11
CA ASP A 7 6.19 -8.11 0.91
C ASP A 7 5.17 -9.10 0.32
N ALA A 8 4.46 -8.74 -0.76
CA ALA A 8 3.63 -9.63 -1.56
C ALA A 8 4.32 -10.16 -2.83
N GLY A 9 5.43 -9.53 -3.28
CA GLY A 9 6.10 -9.80 -4.55
C GLY A 9 5.92 -8.72 -5.64
N GLY A 10 5.07 -7.72 -5.38
CA GLY A 10 4.81 -6.59 -6.27
C GLY A 10 3.47 -6.75 -6.99
N ARG A 11 2.44 -6.08 -6.47
CA ARG A 11 1.09 -5.90 -7.07
C ARG A 11 0.27 -4.89 -6.27
N VAL A 12 -0.69 -4.29 -6.95
CA VAL A 12 -1.69 -3.36 -6.37
C VAL A 12 -2.97 -4.08 -5.94
N CYS A 13 -3.84 -3.37 -5.22
CA CYS A 13 -5.04 -3.86 -4.55
C CYS A 13 -6.28 -3.86 -5.48
N THR A 14 -7.40 -4.46 -5.05
CA THR A 14 -8.67 -4.42 -5.82
C THR A 14 -9.28 -3.02 -5.89
N ASN A 15 -9.08 -2.22 -4.84
CA ASN A 15 -9.43 -0.80 -4.75
C ASN A 15 -8.20 0.11 -5.00
N ASN A 16 -8.42 1.38 -5.33
CA ASN A 16 -7.39 2.39 -5.60
C ASN A 16 -6.74 2.96 -4.31
N TYR A 17 -6.43 2.08 -3.37
CA TYR A 17 -5.78 2.36 -2.08
C TYR A 17 -4.30 2.72 -2.17
N CYS A 18 -3.80 3.26 -1.04
CA CYS A 18 -2.38 3.40 -0.73
C CYS A 18 -1.86 2.04 -0.19
N CYS A 19 -0.86 1.42 -0.82
CA CYS A 19 -0.19 0.25 -0.22
C CYS A 19 0.87 0.70 0.80
N SER A 20 0.67 0.36 2.07
CA SER A 20 1.62 0.64 3.16
C SER A 20 2.97 -0.05 2.92
N LYS A 21 4.06 0.50 3.47
CA LYS A 21 5.39 -0.13 3.51
C LYS A 21 5.38 -1.58 4.02
N TRP A 22 4.37 -1.95 4.81
CA TRP A 22 4.16 -3.29 5.37
C TRP A 22 3.37 -4.29 4.50
N GLY A 23 2.87 -3.88 3.33
CA GLY A 23 2.03 -4.76 2.52
C GLY A 23 0.57 -4.82 2.96
N SER A 24 0.17 -3.94 3.87
CA SER A 24 -1.20 -3.63 4.30
C SER A 24 -1.79 -2.57 3.37
N CYS A 25 -3.04 -2.71 2.95
CA CYS A 25 -3.64 -1.84 1.92
C CYS A 25 -4.89 -1.08 2.42
N GLY A 26 -4.97 0.22 2.08
CA GLY A 26 -6.04 1.11 2.52
C GLY A 26 -5.69 2.58 2.35
N ILE A 27 -6.22 3.46 3.21
CA ILE A 27 -5.96 4.91 3.17
C ILE A 27 -5.84 5.48 4.59
N GLY A 28 -4.97 6.47 4.79
CA GLY A 28 -4.67 7.09 6.08
C GLY A 28 -3.17 7.38 6.24
N PRO A 29 -2.71 8.00 7.34
CA PRO A 29 -1.30 8.36 7.55
C PRO A 29 -0.38 7.13 7.67
N GLY A 30 -0.85 6.03 8.26
CA GLY A 30 -0.12 4.76 8.29
C GLY A 30 -0.07 4.05 6.93
N TYR A 31 -1.04 4.33 6.05
CA TYR A 31 -1.08 3.76 4.70
C TYR A 31 -0.32 4.61 3.66
N CYS A 32 -0.68 5.89 3.53
CA CYS A 32 -0.20 6.83 2.51
C CYS A 32 1.06 7.62 2.90
N GLY A 33 1.49 7.56 4.17
CA GLY A 33 2.71 8.18 4.66
C GLY A 33 3.99 7.41 4.30
N ALA A 34 5.07 7.81 4.97
CA ALA A 34 6.46 7.45 4.68
C ALA A 34 6.68 5.98 4.31
N GLY A 35 7.17 5.73 3.09
CA GLY A 35 7.39 4.40 2.53
C GLY A 35 6.18 3.78 1.80
N CYS A 36 5.11 4.52 1.52
CA CYS A 36 4.00 4.03 0.69
C CYS A 36 4.49 3.53 -0.68
N GLN A 37 4.09 2.31 -1.01
CA GLN A 37 4.58 1.48 -2.10
C GLN A 37 3.83 1.63 -3.44
N SER A 38 2.56 2.06 -3.41
CA SER A 38 1.73 2.30 -4.59
C SER A 38 0.48 3.13 -4.29
N GLY A 39 -0.03 3.84 -5.30
CA GLY A 39 -1.24 4.68 -5.25
C GLY A 39 -0.99 6.18 -5.10
N GLY A 40 -2.05 6.97 -4.93
CA GLY A 40 -2.05 8.46 -4.80
C GLY A 40 -1.41 9.03 -3.52
N CYS A 41 -0.67 8.19 -2.80
CA CYS A 41 -0.01 8.50 -1.55
C CYS A 41 1.22 9.41 -1.70
N ASP A 42 1.64 10.00 -0.58
CA ASP A 42 2.86 10.83 -0.50
C ASP A 42 4.10 9.91 -0.52
N GLY A 43 4.10 8.91 0.37
CA GLY A 43 5.13 7.86 0.47
C GLY A 43 6.53 8.36 0.77
N ASP A 1 -9.15 -10.12 1.81
CA ASP A 1 -8.34 -9.76 0.63
C ASP A 1 -6.89 -10.15 0.80
N LYS A 2 -6.18 -10.34 -0.32
CA LYS A 2 -4.72 -10.56 -0.39
C LYS A 2 -3.92 -9.25 -0.22
N PRO A 3 -2.69 -9.30 0.33
CA PRO A 3 -1.88 -8.13 0.67
C PRO A 3 -1.23 -7.44 -0.54
N CYS A 4 -0.33 -6.48 -0.29
CA CYS A 4 0.30 -5.62 -1.30
C CYS A 4 1.82 -5.48 -1.12
N GLY A 5 2.51 -5.00 -2.17
CA GLY A 5 3.92 -4.58 -2.12
C GLY A 5 4.95 -5.67 -1.86
N LYS A 6 6.04 -5.29 -1.19
CA LYS A 6 7.25 -6.11 -1.03
C LYS A 6 7.04 -7.43 -0.30
N ASP A 7 6.27 -7.44 0.79
CA ASP A 7 5.92 -8.67 1.53
C ASP A 7 4.81 -9.51 0.86
N ALA A 8 4.42 -9.18 -0.37
CA ALA A 8 3.41 -9.91 -1.14
C ALA A 8 3.87 -10.28 -2.57
N GLY A 9 5.02 -9.78 -3.04
CA GLY A 9 5.51 -9.99 -4.41
C GLY A 9 4.95 -9.00 -5.44
N GLY A 10 4.65 -7.76 -5.04
CA GLY A 10 4.33 -6.64 -5.93
C GLY A 10 2.93 -6.73 -6.52
N ARG A 11 1.98 -6.07 -5.88
CA ARG A 11 0.57 -5.90 -6.27
C ARG A 11 -0.10 -4.87 -5.37
N VAL A 12 -1.26 -4.38 -5.80
CA VAL A 12 -2.16 -3.45 -5.07
C VAL A 12 -3.60 -4.00 -5.01
N CYS A 13 -4.51 -3.25 -4.38
CA CYS A 13 -5.95 -3.50 -4.37
C CYS A 13 -6.60 -3.16 -5.74
N THR A 14 -7.88 -3.52 -5.93
CA THR A 14 -8.67 -3.06 -7.11
C THR A 14 -9.12 -1.60 -6.92
N ASN A 15 -9.52 -1.23 -5.70
CA ASN A 15 -9.71 0.16 -5.30
C ASN A 15 -8.35 0.89 -5.28
N ASN A 16 -8.29 2.18 -5.63
CA ASN A 16 -7.06 2.97 -5.76
C ASN A 16 -6.34 3.34 -4.43
N TYR A 17 -6.36 2.42 -3.47
CA TYR A 17 -5.71 2.52 -2.17
C TYR A 17 -4.17 2.65 -2.25
N CYS A 18 -3.55 2.93 -1.10
CA CYS A 18 -2.10 2.94 -0.88
C CYS A 18 -1.61 1.61 -0.26
N CYS A 19 -0.32 1.30 -0.39
CA CYS A 19 0.31 0.15 0.27
C CYS A 19 1.30 0.57 1.38
N SER A 20 0.94 0.27 2.62
CA SER A 20 1.75 0.50 3.82
C SER A 20 2.99 -0.41 3.89
N LYS A 21 4.05 0.01 4.58
CA LYS A 21 5.39 -0.64 4.58
C LYS A 21 5.42 -2.12 4.98
N TRP A 22 4.49 -2.58 5.81
CA TRP A 22 4.39 -4.01 6.19
C TRP A 22 3.46 -4.85 5.31
N GLY A 23 2.98 -4.28 4.20
CA GLY A 23 2.22 -5.00 3.17
C GLY A 23 0.69 -4.89 3.30
N SER A 24 0.20 -4.01 4.19
CA SER A 24 -1.21 -3.67 4.37
C SER A 24 -1.70 -2.67 3.32
N CYS A 25 -2.69 -3.06 2.52
CA CYS A 25 -3.38 -2.17 1.58
C CYS A 25 -4.53 -1.38 2.26
N GLY A 26 -4.69 -0.10 1.95
CA GLY A 26 -5.72 0.79 2.52
C GLY A 26 -5.40 2.28 2.34
N ILE A 27 -6.09 3.17 3.06
CA ILE A 27 -5.85 4.63 3.01
C ILE A 27 -5.82 5.25 4.40
N GLY A 28 -4.88 6.17 4.61
CA GLY A 28 -4.51 6.79 5.88
C GLY A 28 -3.04 7.22 5.89
N PRO A 29 -2.53 7.92 6.93
CA PRO A 29 -1.17 8.46 6.98
C PRO A 29 -0.10 7.35 7.04
N GLY A 30 -0.38 6.24 7.72
CA GLY A 30 0.48 5.05 7.75
C GLY A 30 0.40 4.20 6.48
N TYR A 31 -0.60 4.44 5.62
CA TYR A 31 -0.69 3.81 4.29
C TYR A 31 -0.09 4.66 3.17
N CYS A 32 -0.42 5.96 3.12
CA CYS A 32 -0.11 6.87 2.02
C CYS A 32 1.05 7.84 2.27
N GLY A 33 1.61 7.89 3.49
CA GLY A 33 2.79 8.67 3.83
C GLY A 33 4.10 8.01 3.36
N ALA A 34 5.21 8.51 3.87
CA ALA A 34 6.55 8.02 3.54
C ALA A 34 6.73 6.57 4.02
N GLY A 35 7.38 5.76 3.19
CA GLY A 35 7.45 4.30 3.31
C GLY A 35 6.48 3.57 2.38
N CYS A 36 5.61 4.33 1.67
CA CYS A 36 4.69 3.87 0.63
C CYS A 36 5.37 2.90 -0.34
N GLN A 37 4.87 1.67 -0.39
CA GLN A 37 5.39 0.62 -1.27
C GLN A 37 4.85 0.72 -2.70
N SER A 38 3.61 1.17 -2.85
CA SER A 38 2.83 1.30 -4.09
C SER A 38 1.48 1.99 -3.82
N GLY A 39 0.76 2.37 -4.90
CA GLY A 39 -0.61 2.85 -4.85
C GLY A 39 -0.79 4.38 -4.83
N GLY A 40 -1.95 4.88 -4.40
CA GLY A 40 -2.37 6.29 -4.49
C GLY A 40 -1.82 7.24 -3.43
N CYS A 41 -0.50 7.18 -3.16
CA CYS A 41 0.16 7.87 -2.05
C CYS A 41 0.17 9.41 -2.16
N ASP A 42 0.34 10.09 -1.01
CA ASP A 42 0.12 11.53 -0.79
C ASP A 42 1.07 12.52 -1.51
N GLY A 43 2.26 12.08 -1.92
CA GLY A 43 3.18 12.83 -2.82
C GLY A 43 4.44 13.38 -2.16
N ASP A 1 -6.27 -9.87 5.97
CA ASP A 1 -6.44 -10.22 4.54
C ASP A 1 -5.10 -10.16 3.81
N LYS A 2 -4.98 -10.81 2.65
CA LYS A 2 -3.72 -11.04 1.95
C LYS A 2 -2.98 -9.73 1.60
N PRO A 3 -1.64 -9.69 1.66
CA PRO A 3 -0.90 -8.44 1.56
C PRO A 3 -0.75 -7.91 0.11
N CYS A 4 -0.17 -6.72 0.01
CA CYS A 4 0.29 -6.07 -1.23
C CYS A 4 1.81 -5.81 -1.23
N GLY A 5 2.36 -5.40 -2.37
CA GLY A 5 3.76 -4.94 -2.47
C GLY A 5 4.76 -6.09 -2.60
N LYS A 6 6.05 -5.85 -2.32
CA LYS A 6 7.11 -6.85 -2.54
C LYS A 6 6.94 -8.14 -1.74
N ASP A 7 6.31 -8.06 -0.56
CA ASP A 7 5.96 -9.23 0.24
C ASP A 7 4.95 -10.15 -0.47
N ALA A 8 4.11 -9.59 -1.34
CA ALA A 8 3.18 -10.31 -2.22
C ALA A 8 3.74 -10.54 -3.64
N GLY A 9 5.01 -10.22 -3.92
CA GLY A 9 5.60 -10.31 -5.26
C GLY A 9 5.20 -9.17 -6.22
N GLY A 10 4.68 -8.05 -5.68
CA GLY A 10 4.39 -6.82 -6.41
C GLY A 10 2.98 -6.80 -6.97
N ARG A 11 2.07 -6.07 -6.29
CA ARG A 11 0.66 -5.82 -6.63
C ARG A 11 0.04 -4.88 -5.59
N VAL A 12 -1.19 -4.41 -5.85
CA VAL A 12 -1.99 -3.49 -5.00
C VAL A 12 -3.48 -3.90 -5.01
N CYS A 13 -4.31 -3.30 -4.14
CA CYS A 13 -5.76 -3.55 -4.08
C CYS A 13 -6.48 -3.28 -5.42
N THR A 14 -7.69 -3.85 -5.56
CA THR A 14 -8.64 -3.55 -6.65
C THR A 14 -9.00 -2.06 -6.71
N ASN A 15 -9.34 -1.45 -5.56
CA ASN A 15 -9.55 -0.01 -5.40
C ASN A 15 -8.22 0.78 -5.42
N ASN A 16 -8.28 2.09 -5.73
CA ASN A 16 -7.11 2.98 -5.90
C ASN A 16 -6.50 3.45 -4.56
N TYR A 17 -6.30 2.50 -3.65
CA TYR A 17 -5.73 2.67 -2.31
C TYR A 17 -4.18 2.82 -2.32
N CYS A 18 -3.60 2.98 -1.12
CA CYS A 18 -2.18 3.04 -0.82
C CYS A 18 -1.66 1.72 -0.18
N CYS A 19 -0.35 1.48 -0.19
CA CYS A 19 0.28 0.32 0.46
C CYS A 19 1.47 0.70 1.36
N SER A 20 1.35 0.40 2.66
CA SER A 20 2.39 0.59 3.69
C SER A 20 3.57 -0.41 3.55
N LYS A 21 4.67 -0.18 4.29
CA LYS A 21 5.93 -0.94 4.20
C LYS A 21 5.77 -2.46 4.33
N TRP A 22 4.93 -2.97 5.25
CA TRP A 22 4.74 -4.41 5.46
C TRP A 22 3.65 -5.04 4.59
N GLY A 23 3.14 -4.32 3.59
CA GLY A 23 2.15 -4.85 2.65
C GLY A 23 0.69 -4.64 3.10
N SER A 24 0.46 -3.78 4.08
CA SER A 24 -0.87 -3.33 4.52
C SER A 24 -1.50 -2.40 3.48
N CYS A 25 -2.56 -2.86 2.80
CA CYS A 25 -3.32 -2.06 1.84
C CYS A 25 -4.45 -1.25 2.51
N GLY A 26 -4.64 0.00 2.10
CA GLY A 26 -5.72 0.86 2.58
C GLY A 26 -5.44 2.35 2.40
N ILE A 27 -6.14 3.19 3.18
CA ILE A 27 -6.04 4.65 3.11
C ILE A 27 -6.05 5.29 4.51
N GLY A 28 -5.31 6.39 4.62
CA GLY A 28 -5.08 7.18 5.83
C GLY A 28 -3.60 7.61 5.94
N PRO A 29 -3.22 8.25 7.04
CA PRO A 29 -1.85 8.72 7.30
C PRO A 29 -0.81 7.60 7.27
N GLY A 30 -1.03 6.50 8.01
CA GLY A 30 -0.12 5.36 8.06
C GLY A 30 -0.07 4.54 6.76
N TYR A 31 -1.07 4.71 5.89
CA TYR A 31 -1.11 4.08 4.57
C TYR A 31 -0.42 4.95 3.50
N CYS A 32 -0.88 6.19 3.32
CA CYS A 32 -0.46 7.05 2.21
C CYS A 32 0.70 8.01 2.53
N GLY A 33 1.09 8.14 3.81
CA GLY A 33 2.23 8.93 4.25
C GLY A 33 3.58 8.24 4.02
N ALA A 34 4.59 8.75 4.72
CA ALA A 34 6.01 8.45 4.51
C ALA A 34 6.33 6.95 4.42
N GLY A 35 7.16 6.58 3.43
CA GLY A 35 7.64 5.20 3.21
C GLY A 35 6.69 4.27 2.43
N CYS A 36 5.57 4.77 1.92
CA CYS A 36 4.61 3.99 1.11
C CYS A 36 5.28 3.31 -0.10
N GLN A 37 4.93 2.05 -0.34
CA GLN A 37 5.56 1.22 -1.35
C GLN A 37 4.99 1.43 -2.76
N SER A 38 3.67 1.63 -2.86
CA SER A 38 2.96 1.91 -4.12
C SER A 38 1.51 2.32 -3.84
N GLY A 39 0.73 2.53 -4.91
CA GLY A 39 -0.63 3.09 -4.88
C GLY A 39 -0.63 4.62 -4.93
N GLY A 40 -1.79 5.23 -4.72
CA GLY A 40 -2.02 6.69 -4.83
C GLY A 40 -1.46 7.52 -3.66
N CYS A 41 -0.30 7.14 -3.11
CA CYS A 41 0.27 7.67 -1.89
C CYS A 41 1.18 8.90 -2.09
N ASP A 42 1.28 9.74 -1.05
CA ASP A 42 2.17 10.91 -1.01
C ASP A 42 3.63 10.51 -0.75
N GLY A 43 3.87 9.69 0.28
CA GLY A 43 5.21 9.25 0.69
C GLY A 43 6.09 10.38 1.20
N ASP A 1 -8.41 -12.56 0.41
CA ASP A 1 -7.56 -11.41 0.82
C ASP A 1 -6.09 -11.80 0.66
N LYS A 2 -5.24 -10.88 0.18
CA LYS A 2 -3.80 -11.09 -0.07
C LYS A 2 -2.97 -9.80 0.05
N PRO A 3 -1.71 -9.86 0.50
CA PRO A 3 -0.89 -8.67 0.79
C PRO A 3 -0.43 -7.91 -0.46
N CYS A 4 0.15 -6.74 -0.25
CA CYS A 4 0.58 -5.81 -1.29
C CYS A 4 2.07 -5.46 -1.20
N GLY A 5 2.58 -4.73 -2.21
CA GLY A 5 3.95 -4.18 -2.19
C GLY A 5 5.05 -5.16 -2.61
N LYS A 6 6.30 -4.77 -2.36
CA LYS A 6 7.51 -5.46 -2.84
C LYS A 6 7.55 -6.93 -2.44
N ASP A 7 7.46 -7.20 -1.14
CA ASP A 7 7.59 -8.55 -0.56
C ASP A 7 6.40 -9.48 -0.89
N ALA A 8 5.36 -8.97 -1.54
CA ALA A 8 4.23 -9.75 -2.09
C ALA A 8 4.34 -10.01 -3.62
N GLY A 9 5.38 -9.46 -4.28
CA GLY A 9 5.61 -9.56 -5.72
C GLY A 9 5.12 -8.37 -6.55
N GLY A 10 4.77 -7.24 -5.91
CA GLY A 10 4.32 -6.01 -6.56
C GLY A 10 2.83 -6.06 -6.93
N ARG A 11 1.99 -5.24 -6.27
CA ARG A 11 0.51 -5.13 -6.44
C ARG A 11 -0.10 -4.15 -5.44
N VAL A 12 -1.36 -3.78 -5.70
CA VAL A 12 -2.28 -3.04 -4.81
C VAL A 12 -3.66 -3.72 -4.76
N CYS A 13 -4.52 -3.30 -3.83
CA CYS A 13 -5.90 -3.80 -3.71
C CYS A 13 -6.86 -3.14 -4.73
N THR A 14 -7.86 -3.90 -5.19
CA THR A 14 -8.72 -3.58 -6.35
C THR A 14 -9.49 -2.25 -6.28
N ASN A 15 -9.79 -1.73 -5.09
CA ASN A 15 -10.41 -0.40 -4.92
C ASN A 15 -9.47 0.79 -5.25
N ASN A 16 -8.21 0.51 -5.62
CA ASN A 16 -7.13 1.48 -5.88
C ASN A 16 -6.65 2.19 -4.59
N TYR A 17 -6.58 1.45 -3.49
CA TYR A 17 -5.99 1.88 -2.21
C TYR A 17 -4.47 2.11 -2.29
N CYS A 18 -3.89 2.67 -1.22
CA CYS A 18 -2.45 2.73 -0.99
C CYS A 18 -1.95 1.41 -0.34
N CYS A 19 -0.64 1.15 -0.43
CA CYS A 19 0.01 0.02 0.24
C CYS A 19 1.08 0.51 1.25
N SER A 20 0.88 0.23 2.54
CA SER A 20 1.84 0.62 3.59
C SER A 20 3.10 -0.26 3.58
N LYS A 21 4.15 0.16 4.31
CA LYS A 21 5.43 -0.55 4.42
C LYS A 21 5.35 -2.02 4.84
N TRP A 22 4.28 -2.47 5.50
CA TRP A 22 4.09 -3.87 5.90
C TRP A 22 3.22 -4.71 4.98
N GLY A 23 2.91 -4.20 3.78
CA GLY A 23 2.13 -4.94 2.80
C GLY A 23 0.63 -4.94 3.10
N SER A 24 0.19 -3.94 3.87
CA SER A 24 -1.19 -3.71 4.30
C SER A 24 -1.85 -2.67 3.38
N CYS A 25 -2.97 -3.04 2.75
CA CYS A 25 -3.78 -2.16 1.92
C CYS A 25 -4.66 -1.22 2.78
N GLY A 26 -4.85 0.02 2.31
CA GLY A 26 -5.79 0.98 2.91
C GLY A 26 -5.55 2.41 2.42
N ILE A 27 -6.23 3.38 3.00
CA ILE A 27 -6.07 4.81 2.70
C ILE A 27 -6.09 5.65 3.98
N GLY A 28 -5.18 6.62 4.06
CA GLY A 28 -4.92 7.44 5.25
C GLY A 28 -3.43 7.73 5.40
N PRO A 29 -2.98 8.54 6.38
CA PRO A 29 -1.58 8.91 6.57
C PRO A 29 -0.68 7.72 6.95
N GLY A 30 -1.22 6.71 7.66
CA GLY A 30 -0.52 5.46 7.93
C GLY A 30 -0.32 4.61 6.68
N TYR A 31 -1.21 4.74 5.69
CA TYR A 31 -1.13 3.97 4.43
C TYR A 31 -0.40 4.69 3.29
N CYS A 32 -0.78 5.93 3.01
CA CYS A 32 -0.34 6.74 1.88
C CYS A 32 0.85 7.67 2.17
N GLY A 33 1.26 7.78 3.44
CA GLY A 33 2.37 8.61 3.89
C GLY A 33 3.74 7.91 3.88
N ALA A 34 4.62 8.36 4.76
CA ALA A 34 6.02 7.93 4.82
C ALA A 34 6.18 6.40 4.93
N GLY A 35 6.93 5.83 3.98
CA GLY A 35 7.19 4.40 3.86
C GLY A 35 6.29 3.64 2.88
N CYS A 36 5.37 4.33 2.18
CA CYS A 36 4.50 3.71 1.16
C CYS A 36 5.27 2.84 0.15
N GLN A 37 4.73 1.66 -0.13
CA GLN A 37 5.27 0.70 -1.09
C GLN A 37 4.75 0.93 -2.52
N SER A 38 3.45 1.22 -2.66
CA SER A 38 2.77 1.39 -3.95
C SER A 38 1.39 2.04 -3.80
N GLY A 39 0.85 2.52 -4.91
CA GLY A 39 -0.45 3.20 -5.00
C GLY A 39 -0.35 4.73 -5.09
N GLY A 40 -1.51 5.40 -4.97
CA GLY A 40 -1.69 6.85 -5.04
C GLY A 40 -1.22 7.63 -3.81
N CYS A 41 0.01 7.35 -3.36
CA CYS A 41 0.59 7.86 -2.11
C CYS A 41 1.02 9.35 -2.17
N ASP A 42 0.96 10.00 -1.01
CA ASP A 42 1.30 11.41 -0.81
C ASP A 42 2.76 11.64 -0.35
N GLY A 43 3.41 10.60 0.19
CA GLY A 43 4.82 10.60 0.63
C GLY A 43 5.84 10.15 -0.42
N ASP A 1 -5.85 -10.39 6.69
CA ASP A 1 -6.00 -10.43 5.22
C ASP A 1 -4.64 -10.61 4.53
N LYS A 2 -4.65 -10.91 3.22
CA LYS A 2 -3.45 -11.02 2.38
C LYS A 2 -2.77 -9.66 2.12
N PRO A 3 -1.44 -9.61 1.94
CA PRO A 3 -0.70 -8.37 1.72
C PRO A 3 -0.76 -7.86 0.26
N CYS A 4 -0.11 -6.72 0.02
CA CYS A 4 0.15 -6.09 -1.28
C CYS A 4 1.54 -5.43 -1.28
N GLY A 5 1.98 -4.89 -2.43
CA GLY A 5 3.32 -4.30 -2.55
C GLY A 5 4.42 -5.35 -2.77
N LYS A 6 5.69 -4.96 -2.61
CA LYS A 6 6.84 -5.83 -2.94
C LYS A 6 6.99 -7.05 -2.03
N ASP A 7 6.45 -7.00 -0.81
CA ASP A 7 6.33 -8.15 0.10
C ASP A 7 5.41 -9.28 -0.43
N ALA A 8 4.73 -9.03 -1.56
CA ALA A 8 3.93 -9.97 -2.33
C ALA A 8 4.33 -10.01 -3.83
N GLY A 9 5.51 -9.49 -4.20
CA GLY A 9 6.01 -9.43 -5.59
C GLY A 9 5.61 -8.17 -6.38
N GLY A 10 4.72 -7.35 -5.82
CA GLY A 10 4.19 -6.12 -6.44
C GLY A 10 2.75 -6.31 -6.95
N ARG A 11 1.82 -5.51 -6.40
CA ARG A 11 0.39 -5.33 -6.74
C ARG A 11 -0.25 -4.34 -5.77
N VAL A 12 -1.45 -3.86 -6.12
CA VAL A 12 -2.31 -3.01 -5.27
C VAL A 12 -3.78 -3.46 -5.33
N CYS A 13 -4.60 -3.04 -4.34
CA CYS A 13 -6.05 -3.28 -4.36
C CYS A 13 -6.75 -2.32 -5.35
N THR A 14 -7.60 -2.85 -6.23
CA THR A 14 -8.23 -2.10 -7.34
C THR A 14 -9.26 -1.05 -6.87
N ASN A 15 -9.47 -0.94 -5.55
CA ASN A 15 -10.19 0.13 -4.85
C ASN A 15 -9.46 1.50 -4.88
N ASN A 16 -8.33 1.57 -5.59
CA ASN A 16 -7.35 2.66 -5.63
C ASN A 16 -6.59 2.90 -4.30
N TYR A 17 -6.40 1.84 -3.51
CA TYR A 17 -5.71 1.93 -2.22
C TYR A 17 -4.18 2.12 -2.33
N CYS A 18 -3.56 2.42 -1.20
CA CYS A 18 -2.11 2.45 -0.96
C CYS A 18 -1.64 1.17 -0.25
N CYS A 19 -0.36 0.81 -0.41
CA CYS A 19 0.29 -0.31 0.30
C CYS A 19 1.37 0.20 1.27
N SER A 20 1.18 -0.07 2.56
CA SER A 20 2.04 0.32 3.69
C SER A 20 3.41 -0.38 3.73
N LYS A 21 4.31 0.07 4.63
CA LYS A 21 5.69 -0.42 4.76
C LYS A 21 5.85 -1.90 5.06
N TRP A 22 4.83 -2.55 5.62
CA TRP A 22 4.77 -3.99 5.85
C TRP A 22 3.72 -4.69 4.98
N GLY A 23 3.24 -4.05 3.92
CA GLY A 23 2.39 -4.70 2.92
C GLY A 23 0.87 -4.65 3.18
N SER A 24 0.40 -3.88 4.16
CA SER A 24 -1.04 -3.69 4.43
C SER A 24 -1.70 -2.78 3.38
N CYS A 25 -2.86 -3.19 2.87
CA CYS A 25 -3.64 -2.43 1.89
C CYS A 25 -4.70 -1.51 2.55
N GLY A 26 -4.78 -0.23 2.15
CA GLY A 26 -5.80 0.71 2.65
C GLY A 26 -5.57 2.17 2.25
N ILE A 27 -6.24 3.11 2.92
CA ILE A 27 -6.07 4.57 2.76
C ILE A 27 -6.09 5.28 4.13
N GLY A 28 -5.25 6.29 4.30
CA GLY A 28 -5.03 6.99 5.58
C GLY A 28 -3.56 7.40 5.81
N PRO A 29 -3.20 7.93 6.98
CA PRO A 29 -1.85 8.41 7.28
C PRO A 29 -0.82 7.27 7.43
N GLY A 30 -1.24 6.07 7.83
CA GLY A 30 -0.43 4.86 7.87
C GLY A 30 -0.38 4.09 6.55
N TYR A 31 -1.32 4.33 5.63
CA TYR A 31 -1.32 3.72 4.29
C TYR A 31 -0.70 4.58 3.19
N CYS A 32 -1.16 5.84 3.08
CA CYS A 32 -0.76 6.78 2.05
C CYS A 32 0.12 7.93 2.55
N GLY A 33 0.22 8.17 3.87
CA GLY A 33 1.00 9.28 4.42
C GLY A 33 2.51 9.04 4.41
N ALA A 34 2.92 7.93 5.05
CA ALA A 34 4.32 7.60 5.33
C ALA A 34 4.62 6.10 5.09
N GLY A 35 5.86 5.79 4.68
CA GLY A 35 6.31 4.41 4.48
C GLY A 35 5.64 3.68 3.32
N CYS A 36 5.08 4.40 2.34
CA CYS A 36 4.41 3.80 1.19
C CYS A 36 5.36 2.91 0.38
N GLN A 37 4.84 1.81 -0.18
CA GLN A 37 5.58 0.88 -1.03
C GLN A 37 5.04 0.82 -2.47
N SER A 38 3.74 1.03 -2.63
CA SER A 38 3.06 1.17 -3.92
C SER A 38 1.66 1.78 -3.75
N GLY A 39 1.04 2.19 -4.87
CA GLY A 39 -0.26 2.87 -4.92
C GLY A 39 -0.16 4.38 -4.73
N GLY A 40 -1.33 5.04 -4.71
CA GLY A 40 -1.54 6.49 -4.75
C GLY A 40 -1.15 7.29 -3.50
N CYS A 41 0.07 7.09 -2.99
CA CYS A 41 0.63 7.75 -1.82
C CYS A 41 0.65 9.29 -1.91
N ASP A 42 0.60 9.92 -0.76
CA ASP A 42 0.72 11.37 -0.57
C ASP A 42 2.14 11.86 -0.86
N GLY A 43 3.15 11.12 -0.38
CA GLY A 43 4.59 11.36 -0.60
C GLY A 43 5.21 12.34 0.38
N ASP A 1 -7.73 -13.19 1.31
CA ASP A 1 -6.81 -12.21 1.92
C ASP A 1 -5.40 -12.42 1.37
N LYS A 2 -4.72 -11.33 0.98
CA LYS A 2 -3.34 -11.34 0.47
C LYS A 2 -2.63 -9.99 0.65
N PRO A 3 -1.28 -9.97 0.75
CA PRO A 3 -0.49 -8.75 0.86
C PRO A 3 -0.37 -8.01 -0.49
N CYS A 4 0.18 -6.79 -0.44
CA CYS A 4 0.47 -5.94 -1.59
C CYS A 4 1.76 -5.13 -1.36
N GLY A 5 2.39 -4.62 -2.42
CA GLY A 5 3.68 -3.93 -2.34
C GLY A 5 4.89 -4.80 -2.70
N LYS A 6 6.06 -4.43 -2.16
CA LYS A 6 7.39 -4.94 -2.55
C LYS A 6 7.64 -6.41 -2.20
N ASP A 7 7.69 -6.75 -0.91
CA ASP A 7 7.93 -8.14 -0.45
C ASP A 7 6.78 -9.09 -0.84
N ALA A 8 5.61 -8.54 -1.18
CA ALA A 8 4.45 -9.28 -1.70
C ALA A 8 4.61 -9.76 -3.16
N GLY A 9 5.59 -9.24 -3.91
CA GLY A 9 5.83 -9.57 -5.31
C GLY A 9 5.42 -8.47 -6.33
N GLY A 10 5.13 -7.25 -5.90
CA GLY A 10 4.88 -6.10 -6.78
C GLY A 10 3.45 -6.02 -7.34
N ARG A 11 2.47 -5.73 -6.47
CA ARG A 11 1.02 -5.62 -6.80
C ARG A 11 0.27 -4.67 -5.87
N VAL A 12 -0.97 -4.35 -6.24
CA VAL A 12 -1.92 -3.48 -5.52
C VAL A 12 -3.33 -4.09 -5.42
N CYS A 13 -4.15 -3.63 -4.47
CA CYS A 13 -5.54 -4.06 -4.35
C CYS A 13 -6.39 -3.68 -5.56
N THR A 14 -7.49 -4.42 -5.74
CA THR A 14 -8.47 -4.22 -6.82
C THR A 14 -9.06 -2.80 -6.75
N ASN A 15 -9.47 -2.36 -5.56
CA ASN A 15 -9.87 -0.98 -5.27
C ASN A 15 -8.64 -0.06 -5.01
N ASN A 16 -8.82 1.24 -5.23
CA ASN A 16 -7.79 2.29 -5.34
C ASN A 16 -7.19 2.77 -3.99
N TYR A 17 -6.86 1.83 -3.11
CA TYR A 17 -6.16 2.06 -1.84
C TYR A 17 -4.64 2.23 -1.98
N CYS A 18 -3.99 2.87 -0.99
CA CYS A 18 -2.53 2.91 -0.83
C CYS A 18 -2.03 1.57 -0.25
N CYS A 19 -0.89 1.06 -0.73
CA CYS A 19 -0.21 -0.10 -0.12
C CYS A 19 0.81 0.36 0.93
N SER A 20 0.52 0.07 2.20
CA SER A 20 1.38 0.37 3.35
C SER A 20 2.57 -0.59 3.46
N LYS A 21 3.61 -0.17 4.19
CA LYS A 21 4.87 -0.93 4.38
C LYS A 21 4.71 -2.36 4.93
N TRP A 22 3.62 -2.67 5.65
CA TRP A 22 3.34 -4.02 6.18
C TRP A 22 2.47 -4.91 5.31
N GLY A 23 2.26 -4.52 4.04
CA GLY A 23 1.50 -5.31 3.09
C GLY A 23 0.00 -4.96 3.05
N SER A 24 -0.44 -4.04 3.92
CA SER A 24 -1.81 -3.60 4.16
C SER A 24 -2.31 -2.59 3.12
N CYS A 25 -3.47 -2.85 2.51
CA CYS A 25 -4.19 -1.90 1.69
C CYS A 25 -5.08 -0.98 2.57
N GLY A 26 -5.02 0.33 2.37
CA GLY A 26 -5.90 1.31 3.03
C GLY A 26 -5.56 2.76 2.66
N ILE A 27 -6.02 3.73 3.46
CA ILE A 27 -5.72 5.17 3.31
C ILE A 27 -5.55 5.83 4.68
N GLY A 28 -4.63 6.80 4.79
CA GLY A 28 -4.27 7.48 6.03
C GLY A 28 -2.78 7.87 6.09
N PRO A 29 -2.32 8.58 7.14
CA PRO A 29 -0.95 9.07 7.29
C PRO A 29 0.09 7.95 7.48
N GLY A 30 -0.31 6.80 7.99
CA GLY A 30 0.51 5.59 8.04
C GLY A 30 0.49 4.81 6.72
N TYR A 31 -0.65 4.81 6.01
CA TYR A 31 -0.77 4.10 4.71
C TYR A 31 -0.07 4.84 3.57
N CYS A 32 -0.50 6.07 3.32
CA CYS A 32 -0.08 6.89 2.18
C CYS A 32 1.12 7.82 2.51
N GLY A 33 1.56 7.88 3.76
CA GLY A 33 2.77 8.58 4.16
C GLY A 33 4.06 7.80 3.90
N ALA A 34 5.10 8.13 4.67
CA ALA A 34 6.40 7.49 4.62
C ALA A 34 6.27 5.97 4.84
N GLY A 35 6.79 5.19 3.89
CA GLY A 35 6.62 3.73 3.83
C GLY A 35 5.71 3.25 2.69
N CYS A 36 5.00 4.15 2.00
CA CYS A 36 4.13 3.80 0.86
C CYS A 36 4.86 2.96 -0.20
N GLN A 37 4.40 1.71 -0.35
CA GLN A 37 4.94 0.71 -1.28
C GLN A 37 4.45 0.89 -2.72
N SER A 38 3.18 1.31 -2.89
CA SER A 38 2.55 1.69 -4.17
C SER A 38 1.18 2.36 -3.94
N GLY A 39 0.58 2.88 -5.01
CA GLY A 39 -0.66 3.66 -5.04
C GLY A 39 -0.43 5.19 -5.00
N GLY A 40 -1.52 5.96 -5.08
CA GLY A 40 -1.48 7.42 -5.01
C GLY A 40 -1.22 7.93 -3.60
N CYS A 41 0.01 8.32 -3.30
CA CYS A 41 0.48 8.60 -1.94
C CYS A 41 1.53 9.72 -1.85
N ASP A 42 1.81 10.18 -0.61
CA ASP A 42 2.80 11.23 -0.29
C ASP A 42 4.22 10.67 -0.11
N GLY A 43 4.34 9.45 0.43
CA GLY A 43 5.57 8.63 0.50
C GLY A 43 6.75 9.22 1.27
N ASP A 1 -9.15 -10.88 1.84
CA ASP A 1 -8.01 -9.94 1.84
C ASP A 1 -6.72 -10.59 1.33
N LYS A 2 -5.75 -9.76 0.92
CA LYS A 2 -4.45 -10.18 0.37
C LYS A 2 -3.32 -9.18 0.69
N PRO A 3 -2.04 -9.60 0.65
CA PRO A 3 -0.90 -8.70 0.78
C PRO A 3 -0.67 -7.81 -0.45
N CYS A 4 0.28 -6.89 -0.35
CA CYS A 4 0.75 -6.03 -1.45
C CYS A 4 2.27 -5.77 -1.36
N GLY A 5 2.84 -5.14 -2.40
CA GLY A 5 4.27 -4.81 -2.43
C GLY A 5 5.16 -6.05 -2.37
N LYS A 6 6.22 -5.99 -1.57
CA LYS A 6 7.18 -7.09 -1.35
C LYS A 6 6.56 -8.40 -0.82
N ASP A 7 5.44 -8.34 -0.10
CA ASP A 7 4.69 -9.53 0.34
C ASP A 7 3.84 -10.18 -0.78
N ALA A 8 3.84 -9.61 -2.00
CA ALA A 8 3.05 -10.12 -3.14
C ALA A 8 3.79 -10.14 -4.51
N GLY A 9 4.92 -9.42 -4.66
CA GLY A 9 5.68 -9.29 -5.91
C GLY A 9 5.53 -7.94 -6.63
N GLY A 10 4.91 -6.95 -5.99
CA GLY A 10 4.70 -5.60 -6.52
C GLY A 10 3.34 -5.44 -7.20
N ARG A 11 2.36 -4.93 -6.46
CA ARG A 11 0.97 -4.60 -6.82
C ARG A 11 0.27 -3.96 -5.61
N VAL A 12 -0.90 -3.34 -5.85
CA VAL A 12 -1.81 -2.83 -4.81
C VAL A 12 -3.24 -3.33 -5.03
N CYS A 13 -4.03 -3.39 -3.96
CA CYS A 13 -5.40 -3.90 -3.97
C CYS A 13 -6.33 -3.15 -4.95
N THR A 14 -7.11 -3.90 -5.72
CA THR A 14 -7.95 -3.41 -6.84
C THR A 14 -8.99 -2.34 -6.46
N ASN A 15 -9.35 -2.21 -5.18
CA ASN A 15 -10.15 -1.11 -4.64
C ASN A 15 -9.51 0.29 -4.76
N ASN A 16 -8.28 0.37 -5.29
CA ASN A 16 -7.46 1.55 -5.50
C ASN A 16 -6.94 2.21 -4.21
N TYR A 17 -6.64 1.37 -3.22
CA TYR A 17 -6.00 1.76 -1.95
C TYR A 17 -4.50 2.09 -2.11
N CYS A 18 -3.91 2.64 -1.05
CA CYS A 18 -2.45 2.78 -0.89
C CYS A 18 -1.90 1.50 -0.22
N CYS A 19 -0.57 1.37 -0.09
CA CYS A 19 0.04 0.30 0.72
C CYS A 19 1.07 0.80 1.73
N SER A 20 0.83 0.52 3.01
CA SER A 20 1.76 0.77 4.12
C SER A 20 2.99 -0.12 4.01
N LYS A 21 4.15 0.36 4.47
CA LYS A 21 5.48 -0.29 4.34
C LYS A 21 5.57 -1.76 4.72
N TRP A 22 4.65 -2.28 5.54
CA TRP A 22 4.61 -3.67 5.96
C TRP A 22 3.84 -4.62 5.01
N GLY A 23 3.51 -4.17 3.80
CA GLY A 23 2.85 -5.02 2.81
C GLY A 23 1.33 -5.08 3.01
N SER A 24 0.74 -3.94 3.41
CA SER A 24 -0.64 -3.83 3.90
C SER A 24 -1.49 -2.81 3.12
N CYS A 25 -2.56 -3.26 2.48
CA CYS A 25 -3.50 -2.43 1.72
C CYS A 25 -4.41 -1.56 2.60
N GLY A 26 -4.58 -0.28 2.25
CA GLY A 26 -5.58 0.60 2.87
C GLY A 26 -5.43 2.08 2.53
N ILE A 27 -6.20 2.95 3.19
CA ILE A 27 -6.14 4.41 3.03
C ILE A 27 -6.10 5.13 4.39
N GLY A 28 -5.25 6.15 4.51
CA GLY A 28 -4.95 6.87 5.76
C GLY A 28 -3.56 7.54 5.77
N PRO A 29 -3.14 8.12 6.90
CA PRO A 29 -1.90 8.89 7.04
C PRO A 29 -0.61 8.06 7.15
N GLY A 30 -0.71 6.77 7.49
CA GLY A 30 0.40 5.81 7.40
C GLY A 30 0.33 4.96 6.13
N TYR A 31 -0.88 4.66 5.64
CA TYR A 31 -1.05 3.93 4.36
C TYR A 31 -0.57 4.76 3.16
N CYS A 32 -0.96 6.04 3.10
CA CYS A 32 -0.56 6.96 2.03
C CYS A 32 0.49 8.01 2.46
N GLY A 33 1.18 7.79 3.58
CA GLY A 33 2.24 8.67 4.09
C GLY A 33 3.64 8.16 3.80
N ALA A 34 4.57 8.41 4.72
CA ALA A 34 5.95 7.95 4.60
C ALA A 34 6.04 6.41 4.60
N GLY A 35 7.02 5.87 3.86
CA GLY A 35 7.22 4.44 3.65
C GLY A 35 6.22 3.78 2.70
N CYS A 36 5.28 4.53 2.10
CA CYS A 36 4.30 4.00 1.17
C CYS A 36 4.96 3.20 0.04
N GLN A 37 4.53 1.94 -0.12
CA GLN A 37 5.10 1.00 -1.07
C GLN A 37 4.79 1.41 -2.52
N SER A 38 3.52 1.71 -2.77
CA SER A 38 2.93 2.12 -4.05
C SER A 38 1.46 2.53 -3.85
N GLY A 39 0.77 2.94 -4.93
CA GLY A 39 -0.58 3.53 -4.90
C GLY A 39 -0.57 5.06 -4.79
N GLY A 40 -1.75 5.68 -4.69
CA GLY A 40 -1.93 7.14 -4.68
C GLY A 40 -1.54 7.78 -3.35
N CYS A 41 -0.24 7.98 -3.12
CA CYS A 41 0.33 8.37 -1.83
C CYS A 41 1.46 9.40 -1.90
N ASP A 42 1.80 9.98 -0.74
CA ASP A 42 2.92 10.92 -0.62
C ASP A 42 4.31 10.25 -0.58
N GLY A 43 4.41 9.02 -0.04
CA GLY A 43 5.65 8.23 0.10
C GLY A 43 6.16 7.58 -1.19
N ASP A 1 -8.59 -6.79 2.95
CA ASP A 1 -7.95 -7.87 3.74
C ASP A 1 -6.59 -8.28 3.17
N LYS A 2 -6.58 -8.88 1.99
CA LYS A 2 -5.43 -9.50 1.31
C LYS A 2 -4.24 -8.53 1.15
N PRO A 3 -3.00 -9.02 1.19
CA PRO A 3 -1.83 -8.14 1.29
C PRO A 3 -1.42 -7.46 -0.01
N CYS A 4 -0.41 -6.59 0.07
CA CYS A 4 0.23 -5.85 -1.02
C CYS A 4 1.76 -5.80 -0.82
N GLY A 5 2.53 -5.32 -1.80
CA GLY A 5 3.96 -5.02 -1.63
C GLY A 5 4.91 -6.19 -1.90
N LYS A 6 6.22 -5.95 -1.78
CA LYS A 6 7.25 -6.91 -2.25
C LYS A 6 7.24 -8.28 -1.59
N ASP A 7 6.92 -8.40 -0.30
CA ASP A 7 6.92 -9.70 0.38
C ASP A 7 5.76 -10.62 -0.06
N ALA A 8 4.67 -10.02 -0.54
CA ALA A 8 3.57 -10.73 -1.20
C ALA A 8 3.88 -11.10 -2.68
N GLY A 9 4.98 -10.59 -3.24
CA GLY A 9 5.37 -10.73 -4.65
C GLY A 9 5.10 -9.47 -5.51
N GLY A 10 4.64 -8.37 -4.91
CA GLY A 10 4.33 -7.10 -5.57
C GLY A 10 2.92 -7.09 -6.16
N ARG A 11 2.04 -6.24 -5.63
CA ARG A 11 0.65 -5.98 -6.06
C ARG A 11 0.01 -4.89 -5.19
N VAL A 12 -1.13 -4.36 -5.65
CA VAL A 12 -2.05 -3.49 -4.91
C VAL A 12 -3.51 -3.87 -5.14
N CYS A 13 -4.41 -3.38 -4.27
CA CYS A 13 -5.87 -3.56 -4.41
C CYS A 13 -6.42 -3.02 -5.74
N THR A 14 -7.62 -3.48 -6.11
CA THR A 14 -8.40 -2.93 -7.24
C THR A 14 -8.93 -1.52 -6.93
N ASN A 15 -9.24 -1.25 -5.65
CA ASN A 15 -9.61 0.06 -5.12
C ASN A 15 -8.48 1.10 -5.26
N ASN A 16 -8.78 2.40 -5.09
CA ASN A 16 -7.81 3.51 -5.05
C ASN A 16 -6.94 3.53 -3.76
N TYR A 17 -6.61 2.37 -3.20
CA TYR A 17 -5.86 2.23 -1.95
C TYR A 17 -4.35 2.39 -2.15
N CYS A 18 -3.67 2.73 -1.07
CA CYS A 18 -2.21 2.75 -0.93
C CYS A 18 -1.69 1.45 -0.28
N CYS A 19 -0.41 1.12 -0.46
CA CYS A 19 0.26 0.02 0.24
C CYS A 19 1.26 0.54 1.28
N SER A 20 1.03 0.26 2.56
CA SER A 20 1.91 0.70 3.66
C SER A 20 3.25 -0.05 3.67
N LYS A 21 4.24 0.48 4.41
CA LYS A 21 5.54 -0.15 4.64
C LYS A 21 5.50 -1.58 5.19
N TRP A 22 4.38 -1.99 5.81
CA TRP A 22 4.15 -3.35 6.31
C TRP A 22 3.36 -4.25 5.35
N GLY A 23 3.16 -3.84 4.10
CA GLY A 23 2.45 -4.64 3.12
C GLY A 23 0.93 -4.68 3.32
N SER A 24 0.39 -3.68 4.04
CA SER A 24 -1.05 -3.53 4.32
C SER A 24 -1.69 -2.63 3.27
N CYS A 25 -2.75 -3.09 2.60
CA CYS A 25 -3.48 -2.31 1.62
C CYS A 25 -4.63 -1.52 2.29
N GLY A 26 -4.71 -0.23 2.04
CA GLY A 26 -5.71 0.66 2.65
C GLY A 26 -5.45 2.16 2.40
N ILE A 27 -6.09 3.02 3.18
CA ILE A 27 -5.93 4.49 3.13
C ILE A 27 -5.84 5.11 4.53
N GLY A 28 -4.97 6.10 4.65
CA GLY A 28 -4.59 6.78 5.89
C GLY A 28 -3.14 7.27 5.82
N PRO A 29 -2.64 7.97 6.84
CA PRO A 29 -1.30 8.56 6.85
C PRO A 29 -0.19 7.50 6.93
N GLY A 30 -0.42 6.36 7.60
CA GLY A 30 0.50 5.22 7.57
C GLY A 30 0.47 4.44 6.25
N TYR A 31 -0.61 4.54 5.46
CA TYR A 31 -0.74 3.87 4.16
C TYR A 31 -0.18 4.73 3.02
N CYS A 32 -0.61 5.99 2.93
CA CYS A 32 -0.35 6.88 1.80
C CYS A 32 0.75 7.92 2.07
N GLY A 33 1.21 8.07 3.32
CA GLY A 33 2.25 9.01 3.73
C GLY A 33 3.66 8.44 3.54
N ALA A 34 4.47 8.52 4.58
CA ALA A 34 5.84 7.99 4.60
C ALA A 34 5.86 6.46 4.43
N GLY A 35 6.92 5.93 3.81
CA GLY A 35 7.20 4.50 3.73
C GLY A 35 6.39 3.72 2.68
N CYS A 36 5.47 4.38 1.97
CA CYS A 36 4.59 3.78 0.97
C CYS A 36 5.36 2.90 -0.04
N GLN A 37 4.81 1.72 -0.34
CA GLN A 37 5.44 0.67 -1.17
C GLN A 37 4.89 0.61 -2.60
N SER A 38 3.65 1.03 -2.81
CA SER A 38 2.92 1.05 -4.09
C SER A 38 1.52 1.69 -3.95
N GLY A 39 0.91 2.08 -5.07
CA GLY A 39 -0.44 2.68 -5.12
C GLY A 39 -0.46 4.22 -5.08
N GLY A 40 -1.68 4.78 -5.05
CA GLY A 40 -1.98 6.22 -5.11
C GLY A 40 -1.62 7.05 -3.86
N CYS A 41 -0.35 6.98 -3.45
CA CYS A 41 0.21 7.66 -2.28
C CYS A 41 0.38 9.18 -2.47
N ASP A 42 0.52 9.88 -1.33
CA ASP A 42 0.68 11.34 -1.20
C ASP A 42 2.06 11.74 -0.65
N GLY A 43 2.54 11.03 0.38
CA GLY A 43 3.79 11.32 1.11
C GLY A 43 3.76 12.58 1.96
N ASP A 1 -2.75 -15.93 2.93
CA ASP A 1 -3.04 -14.49 3.08
C ASP A 1 -2.44 -13.71 1.92
N LYS A 2 -3.08 -12.59 1.51
CA LYS A 2 -2.78 -11.84 0.29
C LYS A 2 -2.38 -10.36 0.56
N PRO A 3 -1.14 -10.10 1.01
CA PRO A 3 -0.63 -8.74 1.23
C PRO A 3 -0.43 -7.94 -0.07
N CYS A 4 0.03 -6.69 0.06
CA CYS A 4 0.46 -5.81 -1.03
C CYS A 4 2.00 -5.66 -1.10
N GLY A 5 2.50 -5.12 -2.21
CA GLY A 5 3.90 -4.71 -2.36
C GLY A 5 4.89 -5.86 -2.61
N LYS A 6 6.14 -5.71 -2.14
CA LYS A 6 7.25 -6.67 -2.31
C LYS A 6 6.92 -8.05 -1.74
N ASP A 7 6.28 -8.08 -0.58
CA ASP A 7 5.74 -9.28 0.10
C ASP A 7 4.67 -10.06 -0.70
N ALA A 8 4.22 -9.53 -1.84
CA ALA A 8 3.26 -10.17 -2.75
C ALA A 8 3.70 -10.18 -4.23
N GLY A 9 4.78 -9.48 -4.59
CA GLY A 9 5.38 -9.47 -5.92
C GLY A 9 5.21 -8.19 -6.74
N GLY A 10 4.32 -7.27 -6.31
CA GLY A 10 4.00 -6.01 -6.99
C GLY A 10 2.52 -5.81 -7.29
N ARG A 11 1.73 -5.36 -6.29
CA ARG A 11 0.32 -4.90 -6.41
C ARG A 11 -0.16 -4.19 -5.14
N VAL A 12 -1.33 -3.57 -5.25
CA VAL A 12 -2.19 -3.05 -4.17
C VAL A 12 -3.62 -3.61 -4.34
N CYS A 13 -4.59 -3.17 -3.53
CA CYS A 13 -6.02 -3.52 -3.67
C CYS A 13 -6.57 -3.26 -5.09
N THR A 14 -7.75 -3.81 -5.41
CA THR A 14 -8.40 -3.57 -6.72
C THR A 14 -8.79 -2.10 -6.89
N ASN A 15 -9.40 -1.51 -5.86
CA ASN A 15 -9.65 -0.07 -5.72
C ASN A 15 -8.34 0.72 -5.52
N ASN A 16 -8.40 2.04 -5.74
CA ASN A 16 -7.26 2.96 -5.81
C ASN A 16 -6.57 3.29 -4.46
N TYR A 17 -6.42 2.28 -3.60
CA TYR A 17 -5.79 2.36 -2.28
C TYR A 17 -4.25 2.48 -2.34
N CYS A 18 -3.65 2.74 -1.18
CA CYS A 18 -2.19 2.80 -0.95
C CYS A 18 -1.66 1.52 -0.25
N CYS A 19 -0.34 1.31 -0.25
CA CYS A 19 0.32 0.17 0.40
C CYS A 19 1.41 0.57 1.41
N SER A 20 1.22 0.18 2.68
CA SER A 20 2.17 0.38 3.79
C SER A 20 3.41 -0.54 3.70
N LYS A 21 4.50 -0.17 4.39
CA LYS A 21 5.81 -0.84 4.40
C LYS A 21 5.83 -2.34 4.73
N TRP A 22 4.88 -2.82 5.54
CA TRP A 22 4.75 -4.24 5.90
C TRP A 22 3.64 -4.98 5.13
N GLY A 23 3.18 -4.42 4.01
CA GLY A 23 2.30 -5.13 3.08
C GLY A 23 0.80 -5.00 3.39
N SER A 24 0.41 -4.07 4.27
CA SER A 24 -0.99 -3.71 4.55
C SER A 24 -1.53 -2.68 3.53
N CYS A 25 -2.59 -3.03 2.82
CA CYS A 25 -3.30 -2.14 1.88
C CYS A 25 -4.44 -1.37 2.56
N GLY A 26 -4.62 -0.10 2.20
CA GLY A 26 -5.65 0.79 2.76
C GLY A 26 -5.46 2.25 2.34
N ILE A 27 -6.18 3.17 3.00
CA ILE A 27 -6.05 4.62 2.84
C ILE A 27 -6.11 5.32 4.21
N GLY A 28 -5.28 6.34 4.38
CA GLY A 28 -5.00 7.02 5.65
C GLY A 28 -3.52 7.41 5.75
N PRO A 29 -3.07 8.05 6.84
CA PRO A 29 -1.69 8.52 7.01
C PRO A 29 -0.69 7.36 7.12
N GLY A 30 -1.04 6.26 7.79
CA GLY A 30 -0.20 5.06 7.85
C GLY A 30 -0.12 4.30 6.51
N TYR A 31 -1.11 4.52 5.64
CA TYR A 31 -1.14 3.92 4.30
C TYR A 31 -0.47 4.81 3.23
N CYS A 32 -1.00 6.00 3.00
CA CYS A 32 -0.59 6.91 1.92
C CYS A 32 0.53 7.90 2.30
N GLY A 33 0.87 8.03 3.59
CA GLY A 33 1.99 8.84 4.06
C GLY A 33 3.35 8.17 3.87
N ALA A 34 4.33 8.68 4.60
CA ALA A 34 5.76 8.40 4.49
C ALA A 34 6.09 6.89 4.40
N GLY A 35 6.99 6.55 3.48
CA GLY A 35 7.43 5.17 3.24
C GLY A 35 6.41 4.30 2.49
N CYS A 36 5.40 4.88 1.84
CA CYS A 36 4.47 4.16 0.97
C CYS A 36 5.21 3.36 -0.12
N GLN A 37 4.90 2.06 -0.21
CA GLN A 37 5.52 1.13 -1.15
C GLN A 37 4.99 1.29 -2.58
N SER A 38 3.68 1.49 -2.72
CA SER A 38 3.02 1.76 -4.01
C SER A 38 1.62 2.33 -3.84
N GLY A 39 1.14 2.99 -4.91
CA GLY A 39 -0.18 3.60 -5.02
C GLY A 39 -0.18 5.13 -5.02
N GLY A 40 -1.38 5.72 -5.06
CA GLY A 40 -1.66 7.16 -5.10
C GLY A 40 -1.36 7.89 -3.77
N CYS A 41 -0.11 7.85 -3.34
CA CYS A 41 0.38 8.33 -2.04
C CYS A 41 0.71 9.83 -2.01
N ASP A 42 0.76 10.42 -0.82
CA ASP A 42 0.84 11.87 -0.59
C ASP A 42 2.22 12.52 -0.88
N GLY A 43 3.30 11.75 -0.91
CA GLY A 43 4.70 12.22 -0.97
C GLY A 43 5.10 13.02 -2.20
N ASP A 1 -9.03 -9.64 3.66
CA ASP A 1 -8.51 -9.32 2.30
C ASP A 1 -6.99 -9.46 2.25
N LYS A 2 -6.43 -9.74 1.06
CA LYS A 2 -5.01 -10.10 0.84
C LYS A 2 -4.03 -8.92 1.02
N PRO A 3 -2.74 -9.17 1.32
CA PRO A 3 -1.74 -8.11 1.50
C PRO A 3 -1.26 -7.47 0.18
N CYS A 4 -0.31 -6.54 0.26
CA CYS A 4 0.23 -5.79 -0.89
C CYS A 4 1.76 -5.69 -0.90
N GLY A 5 2.33 -5.29 -2.05
CA GLY A 5 3.74 -4.91 -2.15
C GLY A 5 4.72 -6.10 -2.14
N LYS A 6 5.97 -5.84 -1.71
CA LYS A 6 7.10 -6.78 -1.85
C LYS A 6 6.86 -8.12 -1.15
N ASP A 7 6.46 -8.11 0.13
CA ASP A 7 6.17 -9.33 0.90
C ASP A 7 4.98 -10.13 0.36
N ALA A 8 4.06 -9.49 -0.39
CA ALA A 8 2.90 -10.11 -1.02
C ALA A 8 3.19 -10.65 -2.44
N GLY A 9 4.40 -10.43 -2.99
CA GLY A 9 4.78 -10.79 -4.36
C GLY A 9 4.41 -9.75 -5.43
N GLY A 10 4.15 -8.49 -5.07
CA GLY A 10 4.02 -7.37 -6.02
C GLY A 10 2.63 -7.24 -6.58
N ARG A 11 1.72 -6.66 -5.77
CA ARG A 11 0.35 -6.28 -6.13
C ARG A 11 -0.22 -5.20 -5.19
N VAL A 12 -1.34 -4.60 -5.60
CA VAL A 12 -2.19 -3.69 -4.82
C VAL A 12 -3.66 -3.96 -5.10
N CYS A 13 -4.54 -3.43 -4.25
CA CYS A 13 -6.01 -3.51 -4.41
C CYS A 13 -6.50 -3.01 -5.78
N THR A 14 -7.70 -3.46 -6.21
CA THR A 14 -8.39 -2.91 -7.39
C THR A 14 -8.94 -1.49 -7.13
N ASN A 15 -9.27 -1.16 -5.88
CA ASN A 15 -9.57 0.22 -5.44
C ASN A 15 -8.32 1.10 -5.52
N ASN A 16 -8.46 2.42 -5.58
CA ASN A 16 -7.35 3.37 -5.67
C ASN A 16 -6.62 3.64 -4.32
N TYR A 17 -6.46 2.59 -3.51
CA TYR A 17 -5.82 2.60 -2.19
C TYR A 17 -4.29 2.69 -2.26
N CYS A 18 -3.68 2.97 -1.11
CA CYS A 18 -2.23 3.01 -0.90
C CYS A 18 -1.69 1.65 -0.40
N CYS A 19 -0.46 1.30 -0.75
CA CYS A 19 0.24 0.14 -0.17
C CYS A 19 1.22 0.57 0.93
N SER A 20 0.93 0.15 2.16
CA SER A 20 1.68 0.46 3.37
C SER A 20 3.10 -0.11 3.36
N LYS A 21 4.05 0.56 4.04
CA LYS A 21 5.40 0.01 4.33
C LYS A 21 5.39 -1.37 5.00
N TRP A 22 4.31 -1.69 5.72
CA TRP A 22 4.09 -2.99 6.37
C TRP A 22 3.21 -3.97 5.57
N GLY A 23 3.23 -3.86 4.24
CA GLY A 23 2.63 -4.83 3.31
C GLY A 23 1.10 -4.90 3.37
N SER A 24 0.44 -3.81 3.74
CA SER A 24 -1.02 -3.73 3.94
C SER A 24 -1.66 -2.74 2.97
N CYS A 25 -2.71 -3.15 2.26
CA CYS A 25 -3.45 -2.26 1.37
C CYS A 25 -4.55 -1.49 2.12
N GLY A 26 -4.69 -0.19 1.85
CA GLY A 26 -5.74 0.64 2.46
C GLY A 26 -5.45 2.14 2.39
N ILE A 27 -6.11 2.91 3.25
CA ILE A 27 -5.95 4.35 3.38
C ILE A 27 -5.84 4.79 4.86
N GLY A 28 -5.01 5.82 5.08
CA GLY A 28 -4.57 6.33 6.39
C GLY A 28 -3.11 6.81 6.32
N PRO A 29 -2.53 7.40 7.38
CA PRO A 29 -1.17 7.93 7.39
C PRO A 29 -0.10 6.82 7.30
N GLY A 30 -0.27 5.73 8.03
CA GLY A 30 0.54 4.50 7.93
C GLY A 30 0.33 3.70 6.64
N TYR A 31 -0.64 4.08 5.81
CA TYR A 31 -0.82 3.56 4.46
C TYR A 31 -0.20 4.47 3.39
N CYS A 32 -0.63 5.73 3.34
CA CYS A 32 -0.33 6.67 2.25
C CYS A 32 0.83 7.65 2.50
N GLY A 33 1.23 7.87 3.76
CA GLY A 33 2.27 8.82 4.12
C GLY A 33 3.68 8.27 3.89
N ALA A 34 4.62 8.76 4.70
CA ALA A 34 6.01 8.35 4.71
C ALA A 34 6.15 6.82 4.77
N GLY A 35 6.89 6.25 3.81
CA GLY A 35 7.08 4.82 3.63
C GLY A 35 6.23 4.14 2.55
N CYS A 36 5.27 4.83 1.90
CA CYS A 36 4.41 4.22 0.89
C CYS A 36 5.18 3.49 -0.22
N GLN A 37 4.75 2.25 -0.50
CA GLN A 37 5.44 1.30 -1.40
C GLN A 37 4.91 1.30 -2.84
N SER A 38 3.62 1.58 -3.03
CA SER A 38 2.94 1.75 -4.32
C SER A 38 1.50 2.26 -4.13
N GLY A 39 0.80 2.55 -5.23
CA GLY A 39 -0.57 3.06 -5.26
C GLY A 39 -0.66 4.59 -5.19
N GLY A 40 -1.89 5.12 -5.20
CA GLY A 40 -2.16 6.57 -5.13
C GLY A 40 -1.94 7.15 -3.73
N CYS A 41 -0.69 7.47 -3.39
CA CYS A 41 -0.23 7.92 -2.08
C CYS A 41 0.72 9.14 -2.14
N ASP A 42 1.16 9.64 -0.99
CA ASP A 42 2.23 10.66 -0.87
C ASP A 42 3.63 10.01 -0.90
N GLY A 43 3.96 9.15 0.07
CA GLY A 43 5.30 8.55 0.23
C GLY A 43 6.40 9.56 0.54
N ASP A 1 -8.80 -10.31 3.48
CA ASP A 1 -7.84 -9.22 3.23
C ASP A 1 -6.56 -9.82 2.64
N LYS A 2 -6.02 -9.24 1.56
CA LYS A 2 -4.88 -9.77 0.80
C LYS A 2 -3.74 -8.75 0.64
N PRO A 3 -2.46 -9.15 0.73
CA PRO A 3 -1.32 -8.25 0.86
C PRO A 3 -0.92 -7.53 -0.44
N CYS A 4 0.00 -6.59 -0.32
CA CYS A 4 0.50 -5.71 -1.37
C CYS A 4 2.03 -5.49 -1.28
N GLY A 5 2.65 -4.96 -2.33
CA GLY A 5 4.08 -4.61 -2.33
C GLY A 5 4.99 -5.85 -2.32
N LYS A 6 6.24 -5.71 -1.85
CA LYS A 6 7.25 -6.80 -1.86
C LYS A 6 6.87 -8.08 -1.10
N ASP A 7 5.86 -8.04 -0.23
CA ASP A 7 5.26 -9.24 0.37
C ASP A 7 4.67 -10.17 -0.71
N ALA A 8 3.93 -9.58 -1.65
CA ALA A 8 3.23 -10.28 -2.74
C ALA A 8 4.01 -10.28 -4.08
N GLY A 9 4.76 -9.22 -4.36
CA GLY A 9 5.61 -9.02 -5.55
C GLY A 9 5.64 -7.59 -6.10
N GLY A 10 4.73 -6.70 -5.68
CA GLY A 10 4.70 -5.27 -6.05
C GLY A 10 3.32 -4.61 -6.02
N ARG A 11 2.31 -5.28 -6.59
CA ARG A 11 0.90 -4.87 -6.79
C ARG A 11 0.12 -4.40 -5.54
N VAL A 12 -1.06 -3.81 -5.75
CA VAL A 12 -1.99 -3.29 -4.73
C VAL A 12 -3.46 -3.71 -4.98
N CYS A 13 -4.39 -3.28 -4.12
CA CYS A 13 -5.83 -3.59 -4.22
C CYS A 13 -6.48 -3.20 -5.56
N THR A 14 -7.62 -3.83 -5.88
CA THR A 14 -8.49 -3.39 -7.00
C THR A 14 -9.05 -1.98 -6.75
N ASN A 15 -9.41 -1.66 -5.51
CA ASN A 15 -9.75 -0.30 -5.06
C ASN A 15 -8.55 0.66 -5.10
N ASN A 16 -8.84 1.96 -5.09
CA ASN A 16 -7.94 3.11 -5.26
C ASN A 16 -6.97 3.35 -4.05
N TYR A 17 -6.55 2.27 -3.38
CA TYR A 17 -5.84 2.30 -2.10
C TYR A 17 -4.33 2.36 -2.21
N CYS A 18 -3.71 2.87 -1.15
CA CYS A 18 -2.26 2.90 -0.95
C CYS A 18 -1.75 1.56 -0.39
N CYS A 19 -0.45 1.30 -0.52
CA CYS A 19 0.23 0.16 0.13
C CYS A 19 1.24 0.62 1.19
N SER A 20 0.98 0.28 2.45
CA SER A 20 1.86 0.56 3.58
C SER A 20 3.14 -0.27 3.54
N LYS A 21 4.22 0.19 4.18
CA LYS A 21 5.52 -0.51 4.25
C LYS A 21 5.43 -1.99 4.66
N TRP A 22 4.53 -2.31 5.59
CA TRP A 22 4.30 -3.67 6.11
C TRP A 22 3.33 -4.51 5.27
N GLY A 23 3.13 -4.14 4.00
CA GLY A 23 2.36 -4.92 3.04
C GLY A 23 0.84 -4.90 3.22
N SER A 24 0.33 -4.07 4.13
CA SER A 24 -1.11 -3.83 4.30
C SER A 24 -1.62 -2.82 3.27
N CYS A 25 -2.65 -3.21 2.53
CA CYS A 25 -3.36 -2.33 1.60
C CYS A 25 -4.50 -1.57 2.30
N GLY A 26 -4.61 -0.27 2.03
CA GLY A 26 -5.61 0.63 2.63
C GLY A 26 -5.32 2.11 2.40
N ILE A 27 -5.92 3.01 3.18
CA ILE A 27 -5.75 4.47 3.06
C ILE A 27 -5.66 5.14 4.43
N GLY A 28 -4.91 6.24 4.49
CA GLY A 28 -4.66 7.03 5.69
C GLY A 28 -3.21 7.51 5.81
N PRO A 29 -2.85 8.20 6.91
CA PRO A 29 -1.51 8.75 7.10
C PRO A 29 -0.42 7.68 7.20
N GLY A 30 -0.72 6.51 7.80
CA GLY A 30 0.22 5.37 7.83
C GLY A 30 0.28 4.60 6.50
N TYR A 31 -0.79 4.63 5.71
CA TYR A 31 -0.86 3.91 4.42
C TYR A 31 -0.30 4.70 3.23
N CYS A 32 -0.70 5.97 3.09
CA CYS A 32 -0.36 6.82 1.95
C CYS A 32 0.84 7.74 2.20
N GLY A 33 1.21 7.96 3.46
CA GLY A 33 2.28 8.87 3.88
C GLY A 33 3.68 8.28 3.78
N ALA A 34 4.42 8.33 4.89
CA ALA A 34 5.81 7.87 4.98
C ALA A 34 5.97 6.38 4.64
N GLY A 35 6.87 6.08 3.72
CA GLY A 35 7.17 4.71 3.27
C GLY A 35 6.11 4.06 2.39
N CYS A 36 5.12 4.81 1.89
CA CYS A 36 4.10 4.30 0.97
C CYS A 36 4.75 3.71 -0.29
N GLN A 37 4.45 2.44 -0.52
CA GLN A 37 5.11 1.56 -1.49
C GLN A 37 4.56 1.64 -2.91
N SER A 38 3.24 1.80 -3.03
CA SER A 38 2.50 1.86 -4.30
C SER A 38 1.06 2.36 -4.06
N GLY A 39 0.31 2.57 -5.14
CA GLY A 39 -0.99 3.25 -5.15
C GLY A 39 -0.87 4.78 -5.04
N GLY A 40 -1.98 5.45 -4.71
CA GLY A 40 -2.10 6.92 -4.65
C GLY A 40 -1.38 7.61 -3.49
N CYS A 41 -0.08 7.36 -3.32
CA CYS A 41 0.76 7.82 -2.21
C CYS A 41 0.88 9.35 -2.12
N ASP A 42 0.75 9.89 -0.91
CA ASP A 42 0.98 11.30 -0.55
C ASP A 42 2.49 11.65 -0.50
N GLY A 43 3.35 10.64 -0.29
CA GLY A 43 4.81 10.74 -0.17
C GLY A 43 5.58 10.16 -1.34
N ASP A 1 -6.54 -14.71 2.72
CA ASP A 1 -6.39 -13.27 2.35
C ASP A 1 -4.93 -12.98 1.97
N LYS A 2 -4.64 -11.91 1.20
CA LYS A 2 -3.32 -11.68 0.58
C LYS A 2 -2.78 -10.25 0.75
N PRO A 3 -1.47 -10.06 0.98
CA PRO A 3 -0.83 -8.75 1.18
C PRO A 3 -0.65 -7.95 -0.12
N CYS A 4 -0.12 -6.73 0.00
CA CYS A 4 0.29 -5.87 -1.11
C CYS A 4 1.79 -5.53 -1.08
N GLY A 5 2.29 -4.90 -2.15
CA GLY A 5 3.63 -4.32 -2.23
C GLY A 5 4.73 -5.33 -2.59
N LYS A 6 5.97 -4.98 -2.25
CA LYS A 6 7.20 -5.70 -2.61
C LYS A 6 7.20 -7.16 -2.15
N ASP A 7 6.84 -7.39 -0.89
CA ASP A 7 6.68 -8.72 -0.29
C ASP A 7 5.43 -9.51 -0.79
N ALA A 8 4.67 -8.96 -1.74
CA ALA A 8 3.58 -9.62 -2.49
C ALA A 8 3.87 -9.75 -4.01
N GLY A 9 4.93 -9.10 -4.51
CA GLY A 9 5.31 -9.07 -5.94
C GLY A 9 5.01 -7.76 -6.68
N GLY A 10 4.54 -6.70 -6.01
CA GLY A 10 4.40 -5.33 -6.54
C GLY A 10 3.07 -4.65 -6.23
N ARG A 11 2.00 -5.22 -6.79
CA ARG A 11 0.57 -4.84 -6.75
C ARG A 11 -0.03 -4.37 -5.42
N VAL A 12 -1.20 -3.74 -5.54
CA VAL A 12 -2.09 -3.36 -4.44
C VAL A 12 -3.53 -3.85 -4.69
N CYS A 13 -4.50 -3.37 -3.91
CA CYS A 13 -5.93 -3.61 -4.12
C CYS A 13 -6.42 -3.20 -5.53
N THR A 14 -7.55 -3.77 -5.99
CA THR A 14 -8.22 -3.29 -7.21
C THR A 14 -8.86 -1.91 -7.02
N ASN A 15 -9.24 -1.55 -5.78
CA ASN A 15 -9.62 -0.18 -5.42
C ASN A 15 -8.38 0.72 -5.41
N ASN A 16 -8.55 2.04 -5.56
CA ASN A 16 -7.46 3.01 -5.78
C ASN A 16 -6.63 3.33 -4.51
N TYR A 17 -6.51 2.36 -3.61
CA TYR A 17 -5.89 2.48 -2.28
C TYR A 17 -4.36 2.66 -2.33
N CYS A 18 -3.78 2.93 -1.16
CA CYS A 18 -2.35 2.91 -0.87
C CYS A 18 -1.91 1.55 -0.27
N CYS A 19 -0.61 1.37 -0.03
CA CYS A 19 -0.03 0.14 0.53
C CYS A 19 1.18 0.47 1.41
N SER A 20 1.19 0.03 2.67
CA SER A 20 2.28 0.32 3.62
C SER A 20 3.48 -0.65 3.52
N LYS A 21 4.59 -0.29 4.16
CA LYS A 21 5.80 -1.11 4.37
C LYS A 21 5.55 -2.50 4.95
N TRP A 22 4.51 -2.64 5.78
CA TRP A 22 4.11 -3.92 6.39
C TRP A 22 3.17 -4.77 5.54
N GLY A 23 2.99 -4.41 4.27
CA GLY A 23 2.23 -5.19 3.30
C GLY A 23 0.72 -4.92 3.35
N SER A 24 0.31 -3.90 4.10
CA SER A 24 -1.08 -3.58 4.44
C SER A 24 -1.69 -2.61 3.42
N CYS A 25 -2.68 -3.06 2.64
CA CYS A 25 -3.44 -2.20 1.72
C CYS A 25 -4.52 -1.38 2.48
N GLY A 26 -4.72 -0.11 2.11
CA GLY A 26 -5.69 0.80 2.73
C GLY A 26 -5.43 2.27 2.41
N ILE A 27 -6.11 3.20 3.10
CA ILE A 27 -5.94 4.65 2.94
C ILE A 27 -5.90 5.38 4.29
N GLY A 28 -5.03 6.39 4.38
CA GLY A 28 -4.73 7.15 5.59
C GLY A 28 -3.23 7.51 5.67
N PRO A 29 -2.80 8.24 6.72
CA PRO A 29 -1.43 8.76 6.84
C PRO A 29 -0.37 7.66 6.97
N GLY A 30 -0.68 6.57 7.67
CA GLY A 30 0.19 5.39 7.76
C GLY A 30 0.20 4.53 6.48
N TYR A 31 -0.82 4.67 5.62
CA TYR A 31 -0.89 3.93 4.35
C TYR A 31 -0.25 4.70 3.17
N CYS A 32 -0.55 5.99 3.06
CA CYS A 32 -0.23 6.84 1.89
C CYS A 32 0.94 7.81 2.12
N GLY A 33 1.26 8.13 3.38
CA GLY A 33 2.35 9.02 3.75
C GLY A 33 3.72 8.35 3.71
N ALA A 34 4.59 8.74 4.65
CA ALA A 34 5.86 8.05 4.90
C ALA A 34 5.61 6.57 5.25
N GLY A 35 6.37 5.68 4.62
CA GLY A 35 6.22 4.22 4.69
C GLY A 35 5.30 3.60 3.61
N CYS A 36 4.88 4.37 2.59
CA CYS A 36 4.20 3.82 1.41
C CYS A 36 5.13 2.96 0.53
N GLN A 37 4.61 1.89 -0.05
CA GLN A 37 5.27 1.01 -1.04
C GLN A 37 4.68 1.10 -2.46
N SER A 38 3.38 1.39 -2.58
CA SER A 38 2.66 1.58 -3.86
C SER A 38 1.24 2.15 -3.63
N GLY A 39 0.59 2.59 -4.71
CA GLY A 39 -0.80 3.08 -4.71
C GLY A 39 -0.92 4.62 -4.70
N GLY A 40 -2.08 5.13 -4.26
CA GLY A 40 -2.47 6.55 -4.27
C GLY A 40 -1.79 7.45 -3.22
N CYS A 41 -0.48 7.30 -3.04
CA CYS A 41 0.31 7.89 -1.96
C CYS A 41 0.65 9.39 -2.17
N ASP A 42 1.20 10.03 -1.13
CA ASP A 42 1.76 11.39 -1.22
C ASP A 42 2.87 11.50 -2.29
N GLY A 43 3.83 10.58 -2.29
CA GLY A 43 5.01 10.55 -3.18
C GLY A 43 4.85 9.67 -4.40
N ASP A 1 -8.78 -9.13 3.25
CA ASP A 1 -8.15 -9.15 1.91
C ASP A 1 -6.66 -9.46 2.01
N LYS A 2 -6.12 -10.00 0.91
CA LYS A 2 -4.71 -10.36 0.71
C LYS A 2 -3.78 -9.14 0.67
N PRO A 3 -2.48 -9.29 0.97
CA PRO A 3 -1.56 -8.15 1.09
C PRO A 3 -1.16 -7.53 -0.27
N CYS A 4 -0.32 -6.49 -0.20
CA CYS A 4 0.26 -5.76 -1.33
C CYS A 4 1.80 -5.70 -1.23
N GLY A 5 2.47 -5.27 -2.32
CA GLY A 5 3.94 -5.11 -2.36
C GLY A 5 4.71 -6.43 -2.31
N LYS A 6 6.00 -6.42 -1.94
CA LYS A 6 6.88 -7.61 -1.96
C LYS A 6 6.40 -8.78 -1.10
N ASP A 7 5.64 -8.51 -0.03
CA ASP A 7 4.97 -9.55 0.77
C ASP A 7 3.98 -10.43 -0.04
N ALA A 8 3.48 -9.88 -1.15
CA ALA A 8 2.62 -10.56 -2.13
C ALA A 8 3.31 -10.81 -3.50
N GLY A 9 4.51 -10.27 -3.72
CA GLY A 9 5.25 -10.35 -4.99
C GLY A 9 5.15 -9.10 -5.90
N GLY A 10 4.78 -7.94 -5.36
CA GLY A 10 4.78 -6.64 -6.07
C GLY A 10 3.49 -6.38 -6.87
N ARG A 11 2.47 -5.81 -6.21
CA ARG A 11 1.17 -5.41 -6.77
C ARG A 11 0.35 -4.57 -5.77
N VAL A 12 -0.67 -3.87 -6.28
CA VAL A 12 -1.59 -2.97 -5.53
C VAL A 12 -3.02 -3.55 -5.42
N CYS A 13 -3.82 -2.98 -4.53
CA CYS A 13 -5.25 -3.30 -4.40
C CYS A 13 -6.06 -3.00 -5.68
N THR A 14 -7.23 -3.63 -5.81
CA THR A 14 -8.19 -3.36 -6.91
C THR A 14 -8.88 -1.99 -6.76
N ASN A 15 -9.10 -1.54 -5.52
CA ASN A 15 -9.49 -0.18 -5.19
C ASN A 15 -8.25 0.75 -5.22
N ASN A 16 -8.45 2.07 -5.36
CA ASN A 16 -7.40 3.09 -5.49
C ASN A 16 -6.52 3.32 -4.22
N TYR A 17 -6.42 2.32 -3.34
CA TYR A 17 -5.71 2.38 -2.07
C TYR A 17 -4.19 2.60 -2.20
N CYS A 18 -3.57 2.96 -1.08
CA CYS A 18 -2.13 2.99 -0.88
C CYS A 18 -1.61 1.59 -0.45
N CYS A 19 -0.30 1.38 -0.43
CA CYS A 19 0.34 0.18 0.10
C CYS A 19 1.42 0.52 1.14
N SER A 20 1.21 0.07 2.38
CA SER A 20 2.13 0.24 3.52
C SER A 20 3.44 -0.52 3.34
N LYS A 21 4.53 0.01 3.94
CA LYS A 21 5.83 -0.70 4.07
C LYS A 21 5.74 -2.08 4.71
N TRP A 22 4.68 -2.38 5.46
CA TRP A 22 4.42 -3.68 6.07
C TRP A 22 3.35 -4.53 5.34
N GLY A 23 3.17 -4.26 4.05
CA GLY A 23 2.35 -5.07 3.14
C GLY A 23 0.83 -4.87 3.30
N SER A 24 0.43 -4.01 4.22
CA SER A 24 -0.95 -3.65 4.55
C SER A 24 -1.54 -2.72 3.49
N CYS A 25 -2.59 -3.16 2.81
CA CYS A 25 -3.21 -2.40 1.73
C CYS A 25 -4.44 -1.61 2.22
N GLY A 26 -4.44 -0.29 2.06
CA GLY A 26 -5.43 0.61 2.68
C GLY A 26 -5.17 2.10 2.46
N ILE A 27 -5.87 2.96 3.21
CA ILE A 27 -5.76 4.42 3.16
C ILE A 27 -5.76 5.07 4.56
N GLY A 28 -5.01 6.17 4.71
CA GLY A 28 -4.76 6.86 5.97
C GLY A 28 -3.33 7.44 6.05
N PRO A 29 -2.96 8.16 7.13
CA PRO A 29 -1.65 8.80 7.28
C PRO A 29 -0.49 7.80 7.35
N GLY A 30 -0.68 6.61 7.95
CA GLY A 30 0.31 5.54 7.94
C GLY A 30 0.36 4.77 6.62
N TYR A 31 -0.73 4.78 5.84
CA TYR A 31 -0.79 4.09 4.55
C TYR A 31 -0.27 4.93 3.38
N CYS A 32 -0.61 6.22 3.38
CA CYS A 32 -0.42 7.14 2.25
C CYS A 32 0.53 8.30 2.55
N GLY A 33 0.63 8.73 3.82
CA GLY A 33 1.38 9.91 4.23
C GLY A 33 2.91 9.71 4.21
N ALA A 34 3.37 8.53 4.61
CA ALA A 34 4.79 8.15 4.67
C ALA A 34 5.00 6.63 4.51
N GLY A 35 6.19 6.23 4.06
CA GLY A 35 6.61 4.83 3.92
C GLY A 35 6.09 4.10 2.68
N CYS A 36 5.37 4.77 1.78
CA CYS A 36 4.62 4.14 0.68
C CYS A 36 5.45 3.23 -0.23
N GLN A 37 4.95 2.02 -0.48
CA GLN A 37 5.50 1.07 -1.44
C GLN A 37 4.95 1.28 -2.85
N SER A 38 3.64 1.51 -2.97
CA SER A 38 2.88 1.64 -4.23
C SER A 38 1.44 2.14 -3.95
N GLY A 39 0.66 2.41 -5.00
CA GLY A 39 -0.74 2.83 -4.90
C GLY A 39 -0.96 4.35 -4.75
N GLY A 40 -2.16 4.76 -4.36
CA GLY A 40 -2.65 6.15 -4.35
C GLY A 40 -2.06 7.11 -3.30
N CYS A 41 -0.84 6.87 -2.83
CA CYS A 41 -0.19 7.57 -1.73
C CYS A 41 0.31 8.98 -2.07
N ASP A 42 0.57 9.79 -1.04
CA ASP A 42 0.96 11.20 -1.15
C ASP A 42 2.47 11.42 -0.96
N GLY A 43 3.11 10.74 0.01
CA GLY A 43 4.51 10.96 0.39
C GLY A 43 5.54 10.41 -0.60
N ASP A 1 -1.86 -16.20 2.63
CA ASP A 1 -1.75 -14.73 2.78
C ASP A 1 -1.86 -14.05 1.42
N LYS A 2 -2.47 -12.88 1.39
CA LYS A 2 -2.73 -12.08 0.18
C LYS A 2 -2.29 -10.60 0.33
N PRO A 3 -1.01 -10.33 0.67
CA PRO A 3 -0.51 -8.98 0.93
C PRO A 3 -0.39 -8.12 -0.35
N CYS A 4 -0.04 -6.85 -0.15
CA CYS A 4 0.36 -5.89 -1.18
C CYS A 4 1.86 -5.56 -1.10
N GLY A 5 2.38 -4.83 -2.09
CA GLY A 5 3.73 -4.25 -2.04
C GLY A 5 4.87 -5.20 -2.37
N LYS A 6 6.07 -4.93 -1.83
CA LYS A 6 7.32 -5.61 -2.23
C LYS A 6 7.33 -7.10 -1.95
N ASP A 7 6.84 -7.52 -0.78
CA ASP A 7 6.71 -8.95 -0.45
C ASP A 7 5.75 -9.70 -1.41
N ALA A 8 4.82 -8.99 -2.06
CA ALA A 8 3.90 -9.54 -3.05
C ALA A 8 4.39 -9.41 -4.51
N GLY A 9 5.41 -8.59 -4.78
CA GLY A 9 5.90 -8.30 -6.14
C GLY A 9 5.33 -7.02 -6.78
N GLY A 10 4.81 -6.08 -6.00
CA GLY A 10 4.41 -4.74 -6.47
C GLY A 10 2.99 -4.71 -7.06
N ARG A 11 1.99 -4.57 -6.18
CA ARG A 11 0.55 -4.38 -6.47
C ARG A 11 -0.20 -3.94 -5.22
N VAL A 12 -1.44 -3.47 -5.39
CA VAL A 12 -2.37 -3.04 -4.32
C VAL A 12 -3.79 -3.61 -4.56
N CYS A 13 -4.76 -3.24 -3.71
CA CYS A 13 -6.17 -3.65 -3.79
C CYS A 13 -6.83 -3.42 -5.17
N THR A 14 -8.01 -4.02 -5.41
CA THR A 14 -8.86 -3.68 -6.57
C THR A 14 -9.44 -2.27 -6.41
N ASN A 15 -9.80 -1.91 -5.17
CA ASN A 15 -10.10 -0.55 -4.75
C ASN A 15 -8.83 0.32 -4.86
N ASN A 16 -8.98 1.62 -5.13
CA ASN A 16 -7.91 2.59 -5.41
C ASN A 16 -7.07 3.03 -4.18
N TYR A 17 -6.74 2.08 -3.32
CA TYR A 17 -6.01 2.25 -2.07
C TYR A 17 -4.48 2.26 -2.22
N CYS A 18 -3.79 2.57 -1.13
CA CYS A 18 -2.32 2.53 -0.98
C CYS A 18 -1.85 1.22 -0.32
N CYS A 19 -0.54 1.06 -0.10
CA CYS A 19 0.06 -0.08 0.60
C CYS A 19 1.11 0.36 1.62
N SER A 20 0.91 0.04 2.91
CA SER A 20 1.86 0.34 3.99
C SER A 20 3.01 -0.69 4.06
N LYS A 21 4.06 -0.38 4.83
CA LYS A 21 5.36 -1.12 4.89
C LYS A 21 5.31 -2.58 5.33
N TRP A 22 4.20 -3.03 5.92
CA TRP A 22 3.98 -4.42 6.37
C TRP A 22 2.93 -5.19 5.55
N GLY A 23 2.75 -4.82 4.28
CA GLY A 23 1.92 -5.57 3.33
C GLY A 23 0.41 -5.35 3.47
N SER A 24 0.00 -4.48 4.39
CA SER A 24 -1.39 -4.02 4.59
C SER A 24 -1.79 -2.95 3.56
N CYS A 25 -2.74 -3.27 2.69
CA CYS A 25 -3.40 -2.34 1.79
C CYS A 25 -4.45 -1.49 2.53
N GLY A 26 -4.62 -0.22 2.16
CA GLY A 26 -5.61 0.68 2.76
C GLY A 26 -5.31 2.18 2.51
N ILE A 27 -5.95 3.08 3.26
CA ILE A 27 -5.85 4.54 3.10
C ILE A 27 -5.79 5.27 4.45
N GLY A 28 -4.95 6.31 4.51
CA GLY A 28 -4.57 7.04 5.73
C GLY A 28 -3.12 7.56 5.63
N PRO A 29 -2.63 8.36 6.60
CA PRO A 29 -1.26 8.88 6.59
C PRO A 29 -0.21 7.76 6.72
N GLY A 30 -0.49 6.71 7.49
CA GLY A 30 0.36 5.52 7.61
C GLY A 30 0.33 4.60 6.38
N TYR A 31 -0.66 4.76 5.51
CA TYR A 31 -0.79 4.03 4.25
C TYR A 31 -0.26 4.79 3.03
N CYS A 32 -0.53 6.10 2.97
CA CYS A 32 -0.31 6.97 1.81
C CYS A 32 0.56 8.22 2.08
N GLY A 33 0.65 8.68 3.32
CA GLY A 33 1.26 9.97 3.69
C GLY A 33 2.74 9.89 4.04
N ALA A 34 3.20 8.74 4.56
CA ALA A 34 4.59 8.41 4.81
C ALA A 34 4.80 6.88 4.86
N GLY A 35 5.96 6.39 4.41
CA GLY A 35 6.34 4.97 4.48
C GLY A 35 5.59 4.05 3.50
N CYS A 36 4.87 4.63 2.53
CA CYS A 36 4.15 3.89 1.49
C CYS A 36 5.09 3.04 0.62
N GLN A 37 4.71 1.79 0.38
CA GLN A 37 5.34 0.89 -0.57
C GLN A 37 4.92 1.18 -2.02
N SER A 38 3.60 1.14 -2.27
CA SER A 38 2.98 1.11 -3.61
C SER A 38 1.59 1.78 -3.62
N GLY A 39 1.10 2.15 -4.80
CA GLY A 39 -0.18 2.84 -5.02
C GLY A 39 -0.04 4.36 -5.15
N GLY A 40 -1.16 5.05 -5.36
CA GLY A 40 -1.24 6.51 -5.58
C GLY A 40 -1.06 7.35 -4.32
N CYS A 41 -0.04 7.05 -3.53
CA CYS A 41 0.33 7.68 -2.27
C CYS A 41 0.75 9.14 -2.46
N ASP A 42 0.39 10.02 -1.52
CA ASP A 42 0.91 11.39 -1.48
C ASP A 42 2.43 11.42 -1.21
N GLY A 43 2.92 10.55 -0.32
CA GLY A 43 4.33 10.44 0.12
C GLY A 43 5.19 9.53 -0.74
N ASP A 1 -4.97 -14.68 2.13
CA ASP A 1 -4.60 -13.45 2.87
C ASP A 1 -4.47 -12.30 1.88
N LYS A 2 -4.65 -11.07 2.35
CA LYS A 2 -4.83 -9.88 1.49
C LYS A 2 -3.73 -8.79 1.46
N PRO A 3 -2.42 -9.06 1.72
CA PRO A 3 -1.37 -8.03 1.63
C PRO A 3 -1.00 -7.66 0.17
N CYS A 4 -0.10 -6.68 0.03
CA CYS A 4 0.45 -6.14 -1.22
C CYS A 4 1.98 -6.01 -1.20
N GLY A 5 2.57 -5.73 -2.38
CA GLY A 5 4.01 -5.47 -2.52
C GLY A 5 4.88 -6.72 -2.35
N LYS A 6 6.18 -6.55 -2.07
CA LYS A 6 7.17 -7.65 -2.02
C LYS A 6 6.78 -8.79 -1.06
N ASP A 7 6.20 -8.47 0.10
CA ASP A 7 5.74 -9.49 1.06
C ASP A 7 4.67 -10.43 0.46
N ALA A 8 3.83 -9.91 -0.44
CA ALA A 8 2.83 -10.64 -1.21
C ALA A 8 3.32 -11.20 -2.57
N GLY A 9 4.53 -10.85 -3.02
CA GLY A 9 5.05 -11.19 -4.35
C GLY A 9 4.68 -10.20 -5.47
N GLY A 10 4.26 -8.97 -5.13
CA GLY A 10 3.99 -7.88 -6.08
C GLY A 10 2.55 -7.91 -6.60
N ARG A 11 1.73 -7.02 -6.05
CA ARG A 11 0.29 -6.74 -6.36
C ARG A 11 -0.18 -5.53 -5.53
N VAL A 12 -1.41 -5.07 -5.75
CA VAL A 12 -2.11 -3.99 -5.00
C VAL A 12 -3.62 -4.29 -4.89
N CYS A 13 -4.38 -3.43 -4.21
CA CYS A 13 -5.85 -3.52 -4.18
C CYS A 13 -6.48 -3.21 -5.55
N THR A 14 -7.68 -3.76 -5.79
CA THR A 14 -8.51 -3.38 -6.96
C THR A 14 -9.05 -1.95 -6.87
N ASN A 15 -9.16 -1.39 -5.67
CA ASN A 15 -9.42 0.03 -5.43
C ASN A 15 -8.09 0.83 -5.51
N ASN A 16 -8.15 2.12 -5.87
CA ASN A 16 -7.00 3.02 -6.00
C ASN A 16 -6.44 3.51 -4.64
N TYR A 17 -6.26 2.57 -3.73
CA TYR A 17 -5.70 2.76 -2.39
C TYR A 17 -4.18 2.96 -2.41
N CYS A 18 -3.60 3.09 -1.20
CA CYS A 18 -2.16 3.12 -0.93
C CYS A 18 -1.68 1.75 -0.40
N CYS A 19 -0.39 1.48 -0.49
CA CYS A 19 0.23 0.30 0.10
C CYS A 19 1.35 0.69 1.08
N SER A 20 1.14 0.40 2.37
CA SER A 20 2.06 0.68 3.46
C SER A 20 3.36 -0.12 3.34
N LYS A 21 4.45 0.33 4.00
CA LYS A 21 5.75 -0.39 4.09
C LYS A 21 5.62 -1.86 4.48
N TRP A 22 4.61 -2.18 5.30
CA TRP A 22 4.33 -3.53 5.82
C TRP A 22 3.60 -4.45 4.85
N GLY A 23 3.27 -3.99 3.64
CA GLY A 23 2.40 -4.73 2.73
C GLY A 23 0.91 -4.59 3.05
N SER A 24 0.54 -3.74 4.02
CA SER A 24 -0.85 -3.42 4.36
C SER A 24 -1.44 -2.46 3.31
N CYS A 25 -2.36 -2.95 2.47
CA CYS A 25 -3.12 -2.12 1.54
C CYS A 25 -4.28 -1.40 2.26
N GLY A 26 -4.57 -0.15 1.87
CA GLY A 26 -5.67 0.66 2.41
C GLY A 26 -5.40 2.16 2.24
N ILE A 27 -6.16 3.00 2.94
CA ILE A 27 -6.00 4.46 2.91
C ILE A 27 -6.07 5.04 4.32
N GLY A 28 -5.23 6.06 4.56
CA GLY A 28 -5.02 6.66 5.87
C GLY A 28 -3.58 7.17 6.06
N PRO A 29 -3.28 7.75 7.24
CA PRO A 29 -2.05 8.48 7.52
C PRO A 29 -0.77 7.62 7.49
N GLY A 30 -0.82 6.37 7.96
CA GLY A 30 0.30 5.42 7.87
C GLY A 30 0.32 4.65 6.54
N TYR A 31 -0.85 4.47 5.91
CA TYR A 31 -0.97 3.80 4.61
C TYR A 31 -0.35 4.62 3.48
N CYS A 32 -0.68 5.91 3.41
CA CYS A 32 -0.27 6.80 2.31
C CYS A 32 0.96 7.67 2.64
N GLY A 33 1.41 7.68 3.89
CA GLY A 33 2.52 8.50 4.39
C GLY A 33 3.91 8.07 3.89
N ALA A 34 4.94 8.28 4.71
CA ALA A 34 6.29 7.79 4.42
C ALA A 34 6.32 6.25 4.37
N GLY A 35 7.25 5.68 3.62
CA GLY A 35 7.35 4.24 3.42
C GLY A 35 6.25 3.65 2.53
N CYS A 36 5.36 4.47 1.97
CA CYS A 36 4.34 4.04 1.01
C CYS A 36 5.04 3.44 -0.22
N GLN A 37 4.72 2.18 -0.52
CA GLN A 37 5.41 1.34 -1.50
C GLN A 37 4.88 1.50 -2.93
N SER A 38 3.58 1.75 -3.05
CA SER A 38 2.83 1.88 -4.31
C SER A 38 1.43 2.46 -4.02
N GLY A 39 0.72 2.83 -5.09
CA GLY A 39 -0.62 3.40 -5.02
C GLY A 39 -0.63 4.91 -4.79
N GLY A 40 -1.77 5.43 -4.30
CA GLY A 40 -2.08 6.86 -4.19
C GLY A 40 -1.37 7.62 -3.05
N CYS A 41 -0.08 7.36 -2.85
CA CYS A 41 0.74 7.92 -1.76
C CYS A 41 0.63 9.46 -1.67
N ASP A 42 0.66 9.99 -0.44
CA ASP A 42 0.37 11.39 -0.11
C ASP A 42 1.32 12.37 -0.84
N GLY A 43 2.62 12.02 -0.94
CA GLY A 43 3.62 12.70 -1.78
C GLY A 43 5.05 12.50 -1.32
N ASP A 1 -4.34 -14.60 -2.12
CA ASP A 1 -4.04 -13.78 -0.93
C ASP A 1 -4.17 -12.29 -1.22
N LYS A 2 -4.62 -11.53 -0.22
CA LYS A 2 -4.98 -10.09 -0.26
C LYS A 2 -3.93 -9.03 0.19
N PRO A 3 -2.66 -9.32 0.57
CA PRO A 3 -1.67 -8.29 0.88
C PRO A 3 -1.16 -7.59 -0.40
N CYS A 4 -0.32 -6.57 -0.24
CA CYS A 4 0.18 -5.69 -1.31
C CYS A 4 1.72 -5.54 -1.30
N GLY A 5 2.25 -4.95 -2.38
CA GLY A 5 3.65 -4.55 -2.46
C GLY A 5 4.63 -5.69 -2.76
N LYS A 6 5.93 -5.41 -2.62
CA LYS A 6 7.03 -6.27 -3.07
C LYS A 6 7.02 -7.69 -2.50
N ASP A 7 6.95 -7.90 -1.19
CA ASP A 7 6.99 -9.27 -0.65
C ASP A 7 5.69 -10.06 -0.91
N ALA A 8 4.60 -9.39 -1.28
CA ALA A 8 3.37 -10.01 -1.78
C ALA A 8 3.47 -10.42 -3.26
N GLY A 9 4.48 -9.92 -3.98
CA GLY A 9 4.74 -10.19 -5.41
C GLY A 9 4.47 -9.01 -6.35
N GLY A 10 4.27 -7.79 -5.83
CA GLY A 10 3.99 -6.56 -6.59
C GLY A 10 2.53 -6.50 -7.05
N ARG A 11 1.70 -5.76 -6.31
CA ARG A 11 0.26 -5.51 -6.54
C ARG A 11 -0.33 -4.57 -5.48
N VAL A 12 -1.54 -4.08 -5.76
CA VAL A 12 -2.43 -3.36 -4.83
C VAL A 12 -3.86 -3.88 -5.00
N CYS A 13 -4.79 -3.39 -4.16
CA CYS A 13 -6.21 -3.70 -4.19
C CYS A 13 -6.89 -3.39 -5.55
N THR A 14 -8.12 -3.88 -5.77
CA THR A 14 -8.96 -3.49 -6.92
C THR A 14 -9.26 -1.97 -6.88
N ASN A 15 -9.64 -1.47 -5.71
CA ASN A 15 -9.74 -0.03 -5.45
C ASN A 15 -8.32 0.58 -5.33
N ASN A 16 -8.15 1.83 -5.79
CA ASN A 16 -6.86 2.51 -5.95
C ASN A 16 -6.19 2.99 -4.64
N TYR A 17 -6.27 2.16 -3.60
CA TYR A 17 -5.69 2.36 -2.26
C TYR A 17 -4.15 2.47 -2.27
N CYS A 18 -3.57 2.82 -1.13
CA CYS A 18 -2.13 2.82 -0.87
C CYS A 18 -1.64 1.48 -0.27
N CYS A 19 -0.33 1.22 -0.29
CA CYS A 19 0.29 0.06 0.32
C CYS A 19 1.31 0.46 1.41
N SER A 20 1.03 0.09 2.66
CA SER A 20 1.88 0.37 3.82
C SER A 20 3.06 -0.62 3.95
N LYS A 21 4.08 -0.28 4.75
CA LYS A 21 5.40 -0.97 4.83
C LYS A 21 5.39 -2.46 5.20
N TRP A 22 4.32 -2.98 5.81
CA TRP A 22 4.14 -4.39 6.11
C TRP A 22 3.16 -5.12 5.18
N GLY A 23 2.93 -4.60 3.98
CA GLY A 23 2.10 -5.26 2.98
C GLY A 23 0.58 -5.06 3.21
N SER A 24 0.22 -4.07 4.01
CA SER A 24 -1.17 -3.70 4.36
C SER A 24 -1.76 -2.72 3.34
N CYS A 25 -2.74 -3.16 2.55
CA CYS A 25 -3.45 -2.30 1.58
C CYS A 25 -4.57 -1.48 2.27
N GLY A 26 -4.66 -0.19 1.98
CA GLY A 26 -5.64 0.74 2.58
C GLY A 26 -5.27 2.21 2.40
N ILE A 27 -5.92 3.13 3.12
CA ILE A 27 -5.69 4.58 3.03
C ILE A 27 -5.69 5.27 4.41
N GLY A 28 -4.83 6.27 4.55
CA GLY A 28 -4.48 6.95 5.80
C GLY A 28 -3.01 7.45 5.76
N PRO A 29 -2.52 8.24 6.74
CA PRO A 29 -1.17 8.81 6.72
C PRO A 29 -0.06 7.77 6.87
N GLY A 30 -0.31 6.68 7.60
CA GLY A 30 0.56 5.51 7.70
C GLY A 30 0.49 4.57 6.50
N TYR A 31 -0.51 4.74 5.63
CA TYR A 31 -0.59 4.05 4.33
C TYR A 31 0.01 4.89 3.18
N CYS A 32 -0.42 6.15 3.04
CA CYS A 32 -0.15 7.02 1.89
C CYS A 32 0.93 8.10 2.10
N GLY A 33 1.31 8.38 3.35
CA GLY A 33 2.39 9.29 3.70
C GLY A 33 3.76 8.61 3.64
N ALA A 34 4.70 9.07 4.46
CA ALA A 34 6.03 8.46 4.59
C ALA A 34 5.93 6.96 4.95
N GLY A 35 6.83 6.16 4.37
CA GLY A 35 6.83 4.69 4.44
C GLY A 35 6.07 3.97 3.32
N CYS A 36 5.51 4.67 2.32
CA CYS A 36 4.75 4.05 1.22
C CYS A 36 5.57 3.03 0.43
N GLN A 37 5.00 1.86 0.14
CA GLN A 37 5.57 0.89 -0.79
C GLN A 37 5.09 1.14 -2.22
N SER A 38 3.78 1.25 -2.43
CA SER A 38 3.13 1.37 -3.75
C SER A 38 1.68 1.88 -3.63
N GLY A 39 1.00 2.08 -4.76
CA GLY A 39 -0.40 2.53 -4.81
C GLY A 39 -0.59 4.06 -4.81
N GLY A 40 -1.77 4.50 -4.40
CA GLY A 40 -2.25 5.89 -4.47
C GLY A 40 -1.62 6.90 -3.48
N CYS A 41 -0.35 6.71 -3.09
CA CYS A 41 0.32 7.50 -2.04
C CYS A 41 0.44 8.99 -2.37
N ASP A 42 0.40 9.85 -1.35
CA ASP A 42 0.42 11.31 -1.47
C ASP A 42 1.82 11.93 -1.33
N GLY A 43 2.69 11.31 -0.53
CA GLY A 43 4.03 11.81 -0.20
C GLY A 43 4.08 12.62 1.09
N ASP A 1 -6.69 -13.28 -1.85
CA ASP A 1 -5.73 -12.68 -0.89
C ASP A 1 -5.55 -11.20 -1.17
N LYS A 2 -5.49 -10.37 -0.11
CA LYS A 2 -5.42 -8.89 -0.18
C LYS A 2 -4.09 -8.16 0.19
N PRO A 3 -2.89 -8.79 0.31
CA PRO A 3 -1.65 -8.06 0.62
C PRO A 3 -1.13 -7.23 -0.57
N CYS A 4 -0.04 -6.47 -0.37
CA CYS A 4 0.55 -5.58 -1.38
C CYS A 4 2.10 -5.47 -1.27
N GLY A 5 2.74 -4.96 -2.32
CA GLY A 5 4.19 -4.67 -2.31
C GLY A 5 5.06 -5.93 -2.34
N LYS A 6 6.36 -5.82 -2.04
CA LYS A 6 7.34 -6.93 -2.17
C LYS A 6 6.98 -8.19 -1.37
N ASP A 7 6.23 -8.05 -0.26
CA ASP A 7 5.69 -9.18 0.52
C ASP A 7 4.79 -10.09 -0.34
N ALA A 8 3.98 -9.48 -1.21
CA ALA A 8 3.08 -10.13 -2.17
C ALA A 8 3.70 -10.32 -3.58
N GLY A 9 4.88 -9.75 -3.83
CA GLY A 9 5.54 -9.75 -5.15
C GLY A 9 5.28 -8.51 -6.02
N GLY A 10 4.76 -7.42 -5.44
CA GLY A 10 4.49 -6.14 -6.11
C GLY A 10 3.11 -6.13 -6.77
N ARG A 11 2.13 -5.46 -6.15
CA ARG A 11 0.73 -5.29 -6.55
C ARG A 11 -0.03 -4.46 -5.50
N VAL A 12 -1.23 -4.00 -5.87
CA VAL A 12 -2.18 -3.26 -5.00
C VAL A 12 -3.64 -3.66 -5.27
N CYS A 13 -4.56 -3.29 -4.38
CA CYS A 13 -6.00 -3.59 -4.44
C CYS A 13 -6.70 -3.14 -5.73
N THR A 14 -7.89 -3.68 -6.00
CA THR A 14 -8.77 -3.22 -7.11
C THR A 14 -9.28 -1.79 -6.85
N ASN A 15 -9.66 -1.51 -5.59
CA ASN A 15 -9.98 -0.18 -5.08
C ASN A 15 -8.74 0.74 -5.06
N ASN A 16 -9.00 2.06 -5.03
CA ASN A 16 -8.02 3.16 -5.17
C ASN A 16 -7.12 3.39 -3.93
N TYR A 17 -6.74 2.30 -3.27
CA TYR A 17 -5.98 2.28 -2.02
C TYR A 17 -4.46 2.47 -2.21
N CYS A 18 -3.79 2.80 -1.12
CA CYS A 18 -2.34 2.90 -0.95
C CYS A 18 -1.75 1.58 -0.39
N CYS A 19 -0.41 1.42 -0.43
CA CYS A 19 0.30 0.29 0.19
C CYS A 19 1.35 0.74 1.22
N SER A 20 1.13 0.35 2.49
CA SER A 20 2.04 0.61 3.62
C SER A 20 3.41 -0.07 3.46
N LYS A 21 4.45 0.47 4.15
CA LYS A 21 5.78 -0.16 4.31
C LYS A 21 5.72 -1.62 4.77
N TRP A 22 4.67 -2.00 5.50
CA TRP A 22 4.45 -3.37 6.00
C TRP A 22 3.66 -4.28 5.05
N GLY A 23 3.42 -3.89 3.80
CA GLY A 23 2.70 -4.74 2.83
C GLY A 23 1.18 -4.81 3.05
N SER A 24 0.64 -3.83 3.77
CA SER A 24 -0.78 -3.64 4.08
C SER A 24 -1.44 -2.64 3.12
N CYS A 25 -2.45 -3.09 2.37
CA CYS A 25 -3.24 -2.26 1.45
C CYS A 25 -4.38 -1.53 2.19
N GLY A 26 -4.62 -0.25 1.90
CA GLY A 26 -5.67 0.56 2.55
C GLY A 26 -5.46 2.06 2.39
N ILE A 27 -6.13 2.87 3.21
CA ILE A 27 -6.02 4.34 3.21
C ILE A 27 -5.91 4.90 4.64
N GLY A 28 -5.14 5.98 4.80
CA GLY A 28 -4.83 6.59 6.10
C GLY A 28 -3.37 7.08 6.18
N PRO A 29 -2.94 7.59 7.34
CA PRO A 29 -1.63 8.24 7.50
C PRO A 29 -0.45 7.26 7.38
N GLY A 30 -0.57 6.05 7.93
CA GLY A 30 0.43 4.98 7.76
C GLY A 30 0.31 4.21 6.43
N TYR A 31 -0.78 4.39 5.69
CA TYR A 31 -0.94 3.82 4.35
C TYR A 31 -0.43 4.73 3.23
N CYS A 32 -0.81 6.02 3.27
CA CYS A 32 -0.58 6.97 2.18
C CYS A 32 0.38 8.12 2.55
N GLY A 33 0.42 8.53 3.82
CA GLY A 33 1.11 9.74 4.28
C GLY A 33 2.63 9.64 4.29
N ALA A 34 3.19 8.49 4.70
CA ALA A 34 4.62 8.22 4.74
C ALA A 34 4.92 6.72 4.60
N GLY A 35 6.14 6.38 4.17
CA GLY A 35 6.64 5.01 3.98
C GLY A 35 5.98 4.22 2.85
N CYS A 36 5.10 4.86 2.08
CA CYS A 36 4.25 4.19 1.11
C CYS A 36 5.05 3.53 -0.02
N GLN A 37 4.78 2.27 -0.28
CA GLN A 37 5.51 1.44 -1.25
C GLN A 37 4.97 1.58 -2.68
N SER A 38 3.64 1.65 -2.82
CA SER A 38 2.91 1.69 -4.11
C SER A 38 1.49 2.26 -3.92
N GLY A 39 0.85 2.70 -5.01
CA GLY A 39 -0.45 3.35 -5.01
C GLY A 39 -0.34 4.87 -5.24
N GLY A 40 -1.47 5.58 -5.34
CA GLY A 40 -1.52 7.02 -5.63
C GLY A 40 -1.19 7.92 -4.42
N CYS A 41 -0.35 7.44 -3.51
CA CYS A 41 -0.06 7.99 -2.19
C CYS A 41 0.86 9.22 -2.15
N ASP A 42 0.82 9.95 -1.03
CA ASP A 42 1.51 11.21 -0.79
C ASP A 42 3.01 11.07 -0.46
N GLY A 43 3.41 9.98 0.19
CA GLY A 43 4.78 9.71 0.65
C GLY A 43 5.29 8.32 0.32
#